data_8SP4
#
_entry.id   8SP4
#
_cell.length_a   180.213
_cell.length_b   180.213
_cell.length_c   61.031
_cell.angle_alpha   90.00
_cell.angle_beta   90.00
_cell.angle_gamma   120.00
#
_symmetry.space_group_name_H-M   'P 32 2 1'
#
loop_
_entity.id
_entity.type
_entity.pdbx_description
1 polymer 'RNA polymerase-associated protein RapA'
2 non-polymer 'PHOSPHOTHIOPHOSPHORIC ACID-ADENYLATE ESTER'
3 non-polymer 'CHLORIDE ION'
4 water water
#
_entity_poly.entity_id   1
_entity_poly.type   'polypeptide(L)'
_entity_poly.pdbx_seq_one_letter_code
;HHHHHHFSKPQDRLFAGQIDRMDRFALRYRARKYSSEQFRMPYSGLRGQRTSLIPHQLNIAHDVGRRHAPRVLLADEVGL
GKTIEAGMILHQQLLSGAAERVLIIVPETLQHQWLVEMLRRFNLRFALFDDERYAEAQHDAYNPFDTEQLVICSLDFARR
SKQRLEHLCEAEWDLLVVDEAHHLVWSEDAPSREYQAIEQLAEHVPGVLLLTATPEQLGMESHFARLRLLDPNRFHDFAQ
FVEEQKNYRPVADAVAMLLAGNKLSNDELNMLGEMIGEQDIEPLLQAANSDSEDAQSARQELVSMLMDRHGTSRVLFRNT
RNGVKGFPKRELHTIKLPLPTQYQTAIKVSGIMGARKSAEDRARDMLYPERIYQEFEGDNATWWNFDPRVEWLMGYLTSH
RSQKVLVICAKAATALQLEQVLREREGIRAAVFHEGMSIIERDRAAAWFAEEDTGAQVLLCSEIGSEGRNFQFASHMVMF
DLPFNPDLLEQRIGRLDRIGQAHDIQIHVPYLEKTAQSVLVRWYHEGLDAFEHTCPTGRTIYDSVYNDLINYLASPDQTE
GFDDLIKNCREQHEALKAQLEQGRDRLLEIHSNGGEKAQALAESIEEQDDDTNLIAFAMNLFDIIGINQDDRGDNMIVLT
PSDHMLVPDFPGLSEDGITITFDREVALAREDAQFITWEHPLIRNGLDLILSGDTGSSTISLLKNKALPVGTLLVELIYV
VEAQAPKQLQLNRFLPPTPVRMLLDKNGNNLAAQVEFETFNRQLNAVNRHTGSKLVNAVQQDVHAILQLGEAQIEKSARA
LIDAARNEADEKLSAELSRLEALRAVNPNIRDDELTAIESNRQQVMESLDQAGWRLDALRLIVVTHQ
;
_entity_poly.pdbx_strand_id   A
#
loop_
_chem_comp.id
_chem_comp.type
_chem_comp.name
_chem_comp.formula
AGS non-polymer 'PHOSPHOTHIOPHOSPHORIC ACID-ADENYLATE ESTER' 'C10 H16 N5 O12 P3 S'
CL non-polymer 'CHLORIDE ION' 'Cl -1'
#
# COMPACT_ATOMS: atom_id res chain seq x y z
N LYS A 9 -27.31 -34.11 5.66
CA LYS A 9 -26.25 -34.32 4.68
C LYS A 9 -24.95 -34.87 5.30
N PRO A 10 -24.46 -34.30 6.42
CA PRO A 10 -23.27 -34.87 7.04
C PRO A 10 -23.51 -36.18 7.77
N GLN A 11 -24.71 -36.39 8.33
CA GLN A 11 -24.99 -37.67 8.97
C GLN A 11 -25.16 -38.77 7.93
N ASP A 12 -25.60 -38.43 6.73
CA ASP A 12 -25.67 -39.42 5.66
C ASP A 12 -24.28 -39.93 5.31
N ARG A 13 -23.29 -39.05 5.29
CA ARG A 13 -21.91 -39.47 5.06
C ARG A 13 -21.41 -40.35 6.19
N LEU A 14 -21.81 -40.04 7.43
CA LEU A 14 -21.36 -40.79 8.59
C LEU A 14 -21.94 -42.20 8.59
N PHE A 15 -23.26 -42.31 8.42
CA PHE A 15 -23.89 -43.63 8.40
C PHE A 15 -23.53 -44.43 7.16
N ALA A 16 -22.98 -43.79 6.14
CA ALA A 16 -22.50 -44.48 4.94
C ALA A 16 -21.04 -44.90 5.05
N GLY A 17 -20.36 -44.55 6.13
CA GLY A 17 -19.01 -45.05 6.38
C GLY A 17 -17.93 -43.98 6.48
N GLN A 18 -18.21 -42.70 6.29
CA GLN A 18 -17.18 -41.67 6.41
C GLN A 18 -16.96 -41.37 7.88
N ILE A 19 -15.79 -41.72 8.39
CA ILE A 19 -15.36 -41.34 9.73
C ILE A 19 -14.11 -40.49 9.58
N ASP A 20 -14.19 -39.24 10.02
CA ASP A 20 -13.10 -38.30 9.92
C ASP A 20 -12.23 -38.36 11.17
N ARG A 21 -11.02 -37.83 11.05
CA ARG A 21 -10.11 -37.79 12.18
C ARG A 21 -10.53 -36.69 13.15
N MET A 22 -10.02 -36.81 14.39
CA MET A 22 -10.40 -35.86 15.44
C MET A 22 -9.90 -34.45 15.12
N ASP A 23 -8.63 -34.33 14.71
CA ASP A 23 -8.07 -33.01 14.42
C ASP A 23 -8.75 -32.35 13.23
N ARG A 24 -9.29 -33.15 12.30
CA ARG A 24 -10.01 -32.56 11.18
C ARG A 24 -11.34 -31.95 11.61
N PHE A 25 -12.08 -32.65 12.47
CA PHE A 25 -13.34 -32.12 12.98
C PHE A 25 -13.10 -30.86 13.79
N ALA A 26 -12.07 -30.86 14.64
CA ALA A 26 -11.80 -29.70 15.50
C ALA A 26 -11.39 -28.49 14.68
N LEU A 27 -10.46 -28.67 13.73
CA LEU A 27 -9.99 -27.55 12.94
C LEU A 27 -11.10 -26.97 12.08
N ARG A 28 -12.00 -27.82 11.58
CA ARG A 28 -13.13 -27.33 10.79
C ARG A 28 -13.99 -26.38 11.59
N TYR A 29 -14.23 -26.69 12.87
CA TYR A 29 -15.01 -25.80 13.71
C TYR A 29 -14.24 -24.53 14.06
N ARG A 30 -12.95 -24.66 14.38
CA ARG A 30 -12.15 -23.49 14.74
C ARG A 30 -12.03 -22.54 13.56
N ALA A 31 -11.76 -23.08 12.36
CA ALA A 31 -11.58 -22.22 11.19
C ALA A 31 -12.87 -21.49 10.85
N ARG A 32 -14.01 -22.15 11.01
CA ARG A 32 -15.29 -21.48 10.77
C ARG A 32 -15.56 -20.44 11.85
N LYS A 33 -15.21 -20.74 13.10
CA LYS A 33 -15.46 -19.80 14.19
C LYS A 33 -14.61 -18.54 14.04
N TYR A 34 -13.34 -18.69 13.66
CA TYR A 34 -12.47 -17.53 13.55
C TYR A 34 -12.80 -16.72 12.30
N SER A 35 -13.13 -17.40 11.20
CA SER A 35 -13.62 -16.70 10.01
C SER A 35 -14.82 -15.83 10.34
N SER A 36 -15.78 -16.39 11.07
CA SER A 36 -16.97 -15.63 11.48
C SER A 36 -16.59 -14.39 12.29
N GLU A 37 -15.54 -14.47 13.09
CA GLU A 37 -15.20 -13.40 14.02
C GLU A 37 -14.32 -12.32 13.39
N GLN A 38 -13.37 -12.70 12.54
CA GLN A 38 -12.47 -11.72 11.95
C GLN A 38 -13.12 -10.91 10.84
N PHE A 39 -14.20 -11.40 10.25
CA PHE A 39 -14.88 -10.65 9.18
C PHE A 39 -15.45 -9.34 9.70
N ARG A 40 -15.98 -9.36 10.92
CA ARG A 40 -16.72 -8.22 11.47
C ARG A 40 -15.82 -7.17 12.10
N MET A 41 -14.50 -7.30 12.00
CA MET A 41 -13.61 -6.27 12.52
C MET A 41 -13.83 -4.97 11.74
N PRO A 42 -13.92 -3.83 12.42
CA PRO A 42 -14.16 -2.57 11.71
C PRO A 42 -12.97 -2.06 10.93
N TYR A 43 -11.83 -2.76 10.97
CA TYR A 43 -10.59 -2.29 10.36
C TYR A 43 -10.03 -3.33 9.40
N SER A 44 -10.88 -4.18 8.84
CA SER A 44 -10.43 -5.21 7.92
C SER A 44 -9.89 -4.57 6.64
N GLY A 45 -8.80 -5.14 6.12
CA GLY A 45 -8.12 -4.58 4.97
C GLY A 45 -7.00 -3.63 5.31
N LEU A 46 -6.83 -3.27 6.58
CA LEU A 46 -5.75 -2.39 7.01
C LEU A 46 -4.81 -3.07 8.00
N ARG A 47 -4.93 -4.37 8.18
CA ARG A 47 -4.06 -5.13 9.09
C ARG A 47 -2.96 -5.88 8.35
N GLY A 48 -3.25 -6.42 7.17
CA GLY A 48 -2.34 -7.34 6.51
C GLY A 48 -1.11 -6.71 5.88
N GLN A 49 -1.16 -5.42 5.58
CA GLN A 49 -0.08 -4.80 4.82
C GLN A 49 1.17 -4.65 5.68
N ARG A 50 2.33 -4.82 5.05
CA ARG A 50 3.62 -4.69 5.72
C ARG A 50 4.06 -3.22 5.68
N THR A 51 3.39 -2.42 6.52
CA THR A 51 3.69 -1.01 6.65
C THR A 51 3.67 -0.62 8.12
N SER A 52 4.32 0.49 8.43
CA SER A 52 4.10 1.12 9.72
C SER A 52 2.73 1.80 9.72
N LEU A 53 2.21 2.05 10.92
CA LEU A 53 0.85 2.57 11.08
C LEU A 53 0.92 4.09 11.22
N ILE A 54 0.97 4.76 10.08
CA ILE A 54 1.04 6.23 10.04
C ILE A 54 -0.37 6.78 9.92
N PRO A 55 -0.79 7.68 10.83
CA PRO A 55 -2.21 8.06 10.88
C PRO A 55 -2.74 8.74 9.63
N HIS A 56 -1.95 9.61 8.99
CA HIS A 56 -2.47 10.33 7.84
C HIS A 56 -2.69 9.40 6.65
N GLN A 57 -1.92 8.32 6.55
CA GLN A 57 -2.13 7.35 5.49
C GLN A 57 -3.37 6.51 5.76
N LEU A 58 -3.54 6.06 7.00
CA LEU A 58 -4.71 5.25 7.35
C LEU A 58 -6.00 6.06 7.22
N ASN A 59 -5.94 7.37 7.45
CA ASN A 59 -7.14 8.19 7.32
C ASN A 59 -7.64 8.24 5.88
N ILE A 60 -6.71 8.43 4.94
CA ILE A 60 -7.09 8.42 3.51
C ILE A 60 -7.60 7.05 3.12
N ALA A 61 -6.87 6.00 3.51
CA ALA A 61 -7.24 4.64 3.11
C ALA A 61 -8.58 4.24 3.70
N HIS A 62 -8.86 4.63 4.95
CA HIS A 62 -10.11 4.24 5.59
C HIS A 62 -11.31 4.96 4.99
N ASP A 63 -11.10 6.21 4.53
CA ASP A 63 -12.19 6.94 3.89
C ASP A 63 -12.40 6.46 2.46
N VAL A 64 -11.36 6.56 1.63
CA VAL A 64 -11.49 6.22 0.21
C VAL A 64 -11.75 4.73 0.03
N GLY A 65 -11.08 3.89 0.82
CA GLY A 65 -11.13 2.46 0.61
C GLY A 65 -12.51 1.84 0.82
N ARG A 66 -13.38 2.49 1.58
CA ARG A 66 -14.71 1.96 1.86
C ARG A 66 -15.79 2.61 1.01
N ARG A 67 -15.43 3.49 0.07
CA ARG A 67 -16.42 4.09 -0.79
C ARG A 67 -16.83 3.14 -1.91
N HIS A 68 -17.99 3.42 -2.49
CA HIS A 68 -18.41 2.75 -3.71
C HIS A 68 -17.82 3.49 -4.90
N ALA A 69 -17.04 2.79 -5.72
CA ALA A 69 -16.37 3.36 -6.88
C ALA A 69 -15.63 4.64 -6.53
N PRO A 70 -14.56 4.57 -5.74
CA PRO A 70 -13.87 5.80 -5.33
C PRO A 70 -13.16 6.45 -6.50
N ARG A 71 -13.29 7.77 -6.58
CA ARG A 71 -12.67 8.58 -7.63
C ARG A 71 -12.06 9.81 -6.96
N VAL A 72 -10.79 9.70 -6.55
CA VAL A 72 -10.13 10.75 -5.79
C VAL A 72 -8.75 11.02 -6.39
N LEU A 73 -8.23 12.19 -6.05
CA LEU A 73 -6.87 12.60 -6.40
C LEU A 73 -6.02 12.56 -5.14
N LEU A 74 -5.00 11.69 -5.13
CA LEU A 74 -4.07 11.59 -4.02
C LEU A 74 -2.89 12.52 -4.32
N ALA A 75 -2.83 13.65 -3.62
CA ALA A 75 -1.85 14.69 -3.91
C ALA A 75 -0.98 15.02 -2.70
N ASP A 76 -0.65 14.02 -1.90
CA ASP A 76 0.34 14.22 -0.84
C ASP A 76 1.69 14.56 -1.47
N GLU A 77 2.52 15.27 -0.70
CA GLU A 77 3.83 15.67 -1.20
C GLU A 77 4.75 14.46 -1.30
N VAL A 78 5.94 14.69 -1.86
CA VAL A 78 6.86 13.60 -2.17
C VAL A 78 7.27 12.87 -0.91
N GLY A 79 7.21 11.53 -0.96
CA GLY A 79 7.64 10.70 0.14
C GLY A 79 6.62 10.48 1.23
N LEU A 80 5.41 11.01 1.08
CA LEU A 80 4.39 10.92 2.12
C LEU A 80 3.53 9.67 2.01
N GLY A 81 3.72 8.85 0.98
CA GLY A 81 3.09 7.55 0.94
C GLY A 81 1.93 7.39 -0.03
N LYS A 82 2.04 8.00 -1.22
CA LYS A 82 0.96 7.88 -2.19
C LYS A 82 0.84 6.45 -2.71
N THR A 83 1.97 5.77 -2.92
CA THR A 83 1.92 4.37 -3.32
C THR A 83 1.33 3.50 -2.21
N ILE A 84 1.70 3.78 -0.96
CA ILE A 84 1.17 3.02 0.17
C ILE A 84 -0.33 3.28 0.33
N GLU A 85 -0.74 4.54 0.18
CA GLU A 85 -2.17 4.87 0.28
C GLU A 85 -2.96 4.18 -0.83
N ALA A 86 -2.45 4.21 -2.06
CA ALA A 86 -3.12 3.51 -3.14
C ALA A 86 -3.15 2.00 -2.90
N GLY A 87 -2.06 1.46 -2.36
CA GLY A 87 -2.02 0.03 -2.09
C GLY A 87 -3.02 -0.38 -1.01
N MET A 88 -3.17 0.46 0.02
CA MET A 88 -4.14 0.17 1.06
C MET A 88 -5.57 0.22 0.52
N ILE A 89 -5.85 1.17 -0.38
CA ILE A 89 -7.17 1.26 -0.99
C ILE A 89 -7.44 0.02 -1.84
N LEU A 90 -6.44 -0.42 -2.61
CA LEU A 90 -6.58 -1.66 -3.36
C LEU A 90 -6.76 -2.85 -2.44
N HIS A 91 -6.00 -2.88 -1.33
CA HIS A 91 -6.04 -4.02 -0.42
C HIS A 91 -7.43 -4.21 0.17
N GLN A 92 -8.09 -3.11 0.57
CA GLN A 92 -9.43 -3.21 1.13
C GLN A 92 -10.43 -3.70 0.09
N GLN A 93 -10.48 -3.04 -1.06
CA GLN A 93 -11.49 -3.35 -2.07
C GLN A 93 -11.35 -4.76 -2.60
N LEU A 94 -10.12 -5.29 -2.63
CA LEU A 94 -9.92 -6.66 -3.10
C LEU A 94 -10.28 -7.68 -2.03
N LEU A 95 -9.96 -7.39 -0.77
CA LEU A 95 -10.28 -8.31 0.32
C LEU A 95 -11.78 -8.37 0.56
N SER A 96 -12.47 -7.23 0.51
CA SER A 96 -13.89 -7.19 0.78
C SER A 96 -14.73 -7.68 -0.40
N GLY A 97 -14.14 -7.79 -1.58
CA GLY A 97 -14.88 -8.19 -2.76
C GLY A 97 -15.48 -7.07 -3.56
N ALA A 98 -15.35 -5.81 -3.10
CA ALA A 98 -15.86 -4.67 -3.85
C ALA A 98 -15.16 -4.51 -5.19
N ALA A 99 -13.94 -5.04 -5.32
CA ALA A 99 -13.20 -5.00 -6.58
C ALA A 99 -12.59 -6.36 -6.85
N GLU A 100 -12.45 -6.69 -8.13
CA GLU A 100 -11.87 -7.97 -8.53
C GLU A 100 -10.71 -7.75 -9.50
N ARG A 101 -10.81 -6.72 -10.34
CA ARG A 101 -9.82 -6.46 -11.38
C ARG A 101 -9.30 -5.04 -11.22
N VAL A 102 -7.97 -4.89 -11.27
CA VAL A 102 -7.30 -3.63 -11.01
C VAL A 102 -6.27 -3.38 -12.11
N LEU A 103 -6.21 -2.12 -12.58
CA LEU A 103 -5.27 -1.71 -13.61
C LEU A 103 -4.43 -0.55 -13.08
N ILE A 104 -3.12 -0.74 -13.05
CA ILE A 104 -2.18 0.29 -12.61
C ILE A 104 -1.37 0.74 -13.83
N ILE A 105 -1.45 2.02 -14.14
CA ILE A 105 -0.71 2.60 -15.26
C ILE A 105 0.28 3.62 -14.70
N VAL A 106 1.56 3.39 -14.97
CA VAL A 106 2.64 4.20 -14.40
C VAL A 106 3.61 4.55 -15.52
N PRO A 107 4.45 5.57 -15.31
CA PRO A 107 5.60 5.75 -16.20
C PRO A 107 6.43 4.47 -16.27
N GLU A 108 7.06 4.26 -17.42
CA GLU A 108 7.73 2.99 -17.69
CA GLU A 108 7.73 2.99 -17.69
C GLU A 108 8.79 2.66 -16.65
N THR A 109 9.45 3.69 -16.09
CA THR A 109 10.52 3.44 -15.13
C THR A 109 10.01 3.11 -13.74
N LEU A 110 8.71 3.25 -13.47
CA LEU A 110 8.15 2.98 -12.16
C LEU A 110 7.38 1.67 -12.09
N GLN A 111 7.41 0.87 -13.16
CA GLN A 111 6.67 -0.39 -13.17
C GLN A 111 7.21 -1.35 -12.11
N HIS A 112 8.53 -1.55 -12.09
CA HIS A 112 9.11 -2.47 -11.12
C HIS A 112 8.93 -1.98 -9.69
N GLN A 113 8.87 -0.66 -9.48
CA GLN A 113 8.58 -0.14 -8.16
C GLN A 113 7.22 -0.62 -7.68
N TRP A 114 6.21 -0.56 -8.54
CA TRP A 114 4.85 -0.93 -8.13
C TRP A 114 4.71 -2.44 -7.98
N LEU A 115 5.40 -3.23 -8.79
CA LEU A 115 5.37 -4.67 -8.63
C LEU A 115 5.92 -5.08 -7.27
N VAL A 116 7.07 -4.53 -6.90
CA VAL A 116 7.70 -4.88 -5.63
C VAL A 116 6.84 -4.39 -4.47
N GLU A 117 6.34 -3.17 -4.55
CA GLU A 117 5.54 -2.61 -3.47
C GLU A 117 4.24 -3.37 -3.27
N MET A 118 3.53 -3.65 -4.37
CA MET A 118 2.24 -4.33 -4.25
C MET A 118 2.39 -5.76 -3.77
N LEU A 119 3.49 -6.43 -4.14
CA LEU A 119 3.65 -7.83 -3.74
C LEU A 119 4.22 -7.96 -2.34
N ARG A 120 5.29 -7.22 -2.03
CA ARG A 120 5.98 -7.41 -0.77
C ARG A 120 5.33 -6.68 0.40
N ARG A 121 4.47 -5.70 0.13
CA ARG A 121 3.78 -4.97 1.19
C ARG A 121 2.30 -5.28 1.28
N PHE A 122 1.65 -5.62 0.16
CA PHE A 122 0.21 -5.88 0.16
C PHE A 122 -0.15 -7.25 -0.34
N ASN A 123 0.83 -8.11 -0.63
CA ASN A 123 0.60 -9.49 -1.06
C ASN A 123 -0.24 -9.57 -2.33
N LEU A 124 -0.06 -8.61 -3.23
CA LEU A 124 -0.83 -8.53 -4.47
C LEU A 124 0.13 -8.78 -5.64
N ARG A 125 -0.06 -9.89 -6.33
CA ARG A 125 0.81 -10.27 -7.45
C ARG A 125 0.23 -9.69 -8.73
N PHE A 126 0.79 -8.56 -9.16
CA PHE A 126 0.40 -7.95 -10.41
C PHE A 126 1.21 -8.53 -11.57
N ALA A 127 0.64 -8.47 -12.76
CA ALA A 127 1.30 -8.91 -13.98
C ALA A 127 1.68 -7.69 -14.80
N LEU A 128 2.96 -7.56 -15.12
CA LEU A 128 3.42 -6.46 -15.97
C LEU A 128 3.11 -6.80 -17.43
N PHE A 129 2.28 -5.98 -18.07
CA PHE A 129 1.90 -6.20 -19.46
C PHE A 129 2.72 -5.27 -20.34
N ASP A 130 3.76 -5.81 -20.95
CA ASP A 130 4.55 -5.16 -21.98
C ASP A 130 4.18 -5.78 -23.33
N ASP A 131 4.92 -5.37 -24.38
CA ASP A 131 4.59 -5.84 -25.72
C ASP A 131 4.75 -7.35 -25.85
N GLU A 132 5.78 -7.92 -25.22
CA GLU A 132 6.01 -9.36 -25.33
C GLU A 132 5.00 -10.15 -24.51
N ARG A 133 4.64 -9.64 -23.33
CA ARG A 133 3.58 -10.28 -22.54
C ARG A 133 2.21 -10.12 -23.21
N TYR A 134 2.00 -9.01 -23.91
CA TYR A 134 0.73 -8.81 -24.62
C TYR A 134 0.57 -9.80 -25.75
N ALA A 135 1.63 -10.04 -26.52
CA ALA A 135 1.56 -11.02 -27.60
C ALA A 135 1.36 -12.42 -27.05
N GLU A 136 1.99 -12.73 -25.91
CA GLU A 136 1.79 -14.03 -25.28
C GLU A 136 0.34 -14.23 -24.86
N ALA A 137 -0.26 -13.20 -24.24
CA ALA A 137 -1.62 -13.30 -23.74
C ALA A 137 -2.66 -13.36 -24.85
N GLN A 138 -2.34 -12.87 -26.05
CA GLN A 138 -3.31 -12.89 -27.14
C GLN A 138 -3.68 -14.31 -27.54
N HIS A 139 -2.75 -15.26 -27.38
CA HIS A 139 -3.02 -16.65 -27.73
C HIS A 139 -4.10 -17.29 -26.88
N ASP A 140 -4.53 -16.63 -25.80
CA ASP A 140 -5.43 -17.26 -24.84
C ASP A 140 -6.84 -16.70 -24.82
N ALA A 141 -7.06 -15.48 -25.33
CA ALA A 141 -8.38 -14.88 -25.26
C ALA A 141 -8.50 -13.79 -26.32
N TYR A 142 -9.75 -13.44 -26.63
CA TYR A 142 -10.02 -12.34 -27.55
C TYR A 142 -9.46 -11.04 -27.00
N ASN A 143 -9.78 -10.72 -25.74
CA ASN A 143 -9.17 -9.60 -25.06
C ASN A 143 -7.99 -10.11 -24.25
N PRO A 144 -6.74 -9.77 -24.61
CA PRO A 144 -5.59 -10.32 -23.88
C PRO A 144 -5.52 -9.88 -22.43
N PHE A 145 -6.17 -8.78 -22.06
CA PHE A 145 -6.14 -8.33 -20.67
C PHE A 145 -7.10 -9.11 -19.78
N ASP A 146 -7.93 -9.98 -20.35
CA ASP A 146 -8.81 -10.82 -19.56
C ASP A 146 -8.09 -11.98 -18.90
N THR A 147 -6.82 -12.23 -19.26
CA THR A 147 -6.08 -13.36 -18.72
C THR A 147 -5.47 -13.09 -17.35
N GLU A 148 -5.53 -11.85 -16.87
CA GLU A 148 -5.01 -11.51 -15.54
C GLU A 148 -5.97 -10.55 -14.86
N GLN A 149 -6.10 -10.70 -13.54
CA GLN A 149 -6.99 -9.84 -12.76
C GLN A 149 -6.31 -8.55 -12.31
N LEU A 150 -5.01 -8.59 -12.05
CA LEU A 150 -4.26 -7.42 -11.59
C LEU A 150 -3.08 -7.23 -12.52
N VAL A 151 -3.09 -6.15 -13.31
CA VAL A 151 -2.04 -5.91 -14.28
C VAL A 151 -1.46 -4.52 -14.08
N ILE A 152 -0.18 -4.37 -14.46
CA ILE A 152 0.51 -3.10 -14.51
C ILE A 152 1.03 -2.91 -15.93
N CYS A 153 0.90 -1.69 -16.44
CA CYS A 153 1.48 -1.34 -17.73
C CYS A 153 1.96 0.10 -17.67
N SER A 154 2.63 0.53 -18.74
CA SER A 154 3.17 1.88 -18.82
C SER A 154 2.25 2.79 -19.61
N LEU A 155 2.44 4.09 -19.43
CA LEU A 155 1.71 5.07 -20.23
C LEU A 155 2.00 4.90 -21.71
N ASP A 156 3.28 4.66 -22.05
CA ASP A 156 3.64 4.46 -23.45
C ASP A 156 2.98 3.20 -24.02
N PHE A 157 2.89 2.15 -23.20
CA PHE A 157 2.22 0.93 -23.63
C PHE A 157 0.73 1.18 -23.89
N ALA A 158 0.08 1.92 -22.98
CA ALA A 158 -1.37 2.11 -23.08
C ALA A 158 -1.75 2.97 -24.30
N ARG A 159 -0.89 3.92 -24.67
CA ARG A 159 -1.23 4.88 -25.71
C ARG A 159 -0.88 4.44 -27.12
N ARG A 160 -0.04 3.41 -27.27
CA ARG A 160 0.63 3.19 -28.54
C ARG A 160 -0.32 2.71 -29.63
N SER A 161 -1.30 1.88 -29.28
CA SER A 161 -2.19 1.30 -30.28
C SER A 161 -3.64 1.58 -29.92
N LYS A 162 -4.43 1.94 -30.94
CA LYS A 162 -5.86 2.16 -30.73
C LYS A 162 -6.58 0.84 -30.46
N GLN A 163 -6.25 -0.21 -31.22
CA GLN A 163 -6.86 -1.51 -30.99
C GLN A 163 -6.54 -2.04 -29.60
N ARG A 164 -5.26 -1.92 -29.19
CA ARG A 164 -4.88 -2.36 -27.85
C ARG A 164 -5.55 -1.50 -26.78
N LEU A 165 -5.76 -0.22 -27.06
CA LEU A 165 -6.44 0.65 -26.09
C LEU A 165 -7.90 0.27 -25.93
N GLU A 166 -8.56 -0.10 -27.03
CA GLU A 166 -9.95 -0.54 -26.92
CA GLU A 166 -9.95 -0.55 -26.93
C GLU A 166 -10.07 -1.78 -26.04
N HIS A 167 -9.14 -2.72 -26.19
CA HIS A 167 -9.13 -3.90 -25.34
C HIS A 167 -8.95 -3.52 -23.87
N LEU A 168 -8.06 -2.57 -23.61
CA LEU A 168 -7.83 -2.12 -22.23
C LEU A 168 -9.07 -1.44 -21.67
N CYS A 169 -9.86 -0.78 -22.51
CA CYS A 169 -11.06 -0.08 -22.03
C CYS A 169 -12.19 -1.06 -21.75
N GLU A 170 -12.35 -2.09 -22.58
CA GLU A 170 -13.43 -3.06 -22.43
C GLU A 170 -13.05 -4.24 -21.55
N ALA A 171 -11.87 -4.22 -20.93
CA ALA A 171 -11.43 -5.34 -20.10
C ALA A 171 -12.13 -5.41 -18.75
N GLU A 172 -13.11 -4.55 -18.50
CA GLU A 172 -13.97 -4.60 -17.31
C GLU A 172 -13.12 -4.50 -16.03
N TRP A 173 -12.45 -3.37 -15.88
CA TRP A 173 -11.72 -3.08 -14.67
C TRP A 173 -12.65 -2.48 -13.62
N ASP A 174 -12.36 -2.79 -12.35
CA ASP A 174 -13.07 -2.15 -11.25
C ASP A 174 -12.36 -0.92 -10.74
N LEU A 175 -11.02 -0.95 -10.68
CA LEU A 175 -10.23 0.15 -10.18
C LEU A 175 -9.10 0.46 -11.16
N LEU A 176 -8.87 1.75 -11.39
CA LEU A 176 -7.78 2.24 -12.22
C LEU A 176 -6.89 3.14 -11.39
N VAL A 177 -5.59 2.85 -11.39
CA VAL A 177 -4.61 3.63 -10.65
C VAL A 177 -3.63 4.23 -11.66
N VAL A 178 -3.46 5.55 -11.60
CA VAL A 178 -2.54 6.27 -12.47
C VAL A 178 -1.55 7.01 -11.58
N ASP A 179 -0.29 6.60 -11.60
CA ASP A 179 0.75 7.25 -10.84
C ASP A 179 1.41 8.35 -11.66
N GLU A 180 1.97 9.34 -10.97
CA GLU A 180 2.62 10.49 -11.59
C GLU A 180 1.71 11.10 -12.67
N ALA A 181 0.45 11.36 -12.28
CA ALA A 181 -0.56 11.82 -13.22
C ALA A 181 -0.32 13.24 -13.72
N HIS A 182 0.70 13.93 -13.22
CA HIS A 182 1.03 15.24 -13.79
C HIS A 182 1.59 15.10 -15.20
N HIS A 183 2.00 13.90 -15.60
CA HIS A 183 2.36 13.65 -17.00
C HIS A 183 1.16 13.82 -17.93
N LEU A 184 -0.05 13.85 -17.37
CA LEU A 184 -1.27 14.09 -18.15
C LEU A 184 -1.50 15.59 -18.19
N VAL A 185 -1.12 16.21 -19.31
CA VAL A 185 -1.16 17.66 -19.47
C VAL A 185 -2.36 18.03 -20.32
N TRP A 186 -3.13 19.02 -19.87
CA TRP A 186 -4.27 19.50 -20.64
C TRP A 186 -3.79 20.39 -21.78
N SER A 187 -4.25 20.10 -22.99
CA SER A 187 -3.94 20.89 -24.18
C SER A 187 -5.21 21.03 -24.99
N GLU A 188 -5.59 22.26 -25.31
CA GLU A 188 -6.87 22.49 -25.98
C GLU A 188 -6.85 22.03 -27.43
N ASP A 189 -5.70 22.13 -28.10
CA ASP A 189 -5.62 21.85 -29.53
C ASP A 189 -4.84 20.60 -29.88
N ALA A 190 -4.05 20.05 -28.95
CA ALA A 190 -3.25 18.86 -29.23
C ALA A 190 -3.05 18.08 -27.93
N PRO A 191 -4.08 17.41 -27.44
CA PRO A 191 -3.89 16.52 -26.29
C PRO A 191 -3.06 15.31 -26.69
N SER A 192 -2.07 14.98 -25.85
CA SER A 192 -1.19 13.86 -26.13
C SER A 192 -1.99 12.56 -26.18
N ARG A 193 -1.39 11.54 -26.81
CA ARG A 193 -2.05 10.25 -26.90
C ARG A 193 -2.24 9.61 -25.53
N GLU A 194 -1.32 9.88 -24.60
CA GLU A 194 -1.47 9.31 -23.25
C GLU A 194 -2.56 10.04 -22.46
N TYR A 195 -2.77 11.33 -22.73
CA TYR A 195 -3.91 12.01 -22.12
C TYR A 195 -5.22 11.44 -22.65
N GLN A 196 -5.30 11.24 -23.98
CA GLN A 196 -6.53 10.70 -24.57
C GLN A 196 -6.80 9.30 -24.07
N ALA A 197 -5.74 8.50 -23.87
CA ALA A 197 -5.92 7.13 -23.41
C ALA A 197 -6.45 7.07 -21.99
N ILE A 198 -5.90 7.90 -21.09
CA ILE A 198 -6.36 7.92 -19.71
C ILE A 198 -7.78 8.48 -19.63
N GLU A 199 -8.09 9.48 -20.46
CA GLU A 199 -9.42 10.06 -20.48
C GLU A 199 -10.46 9.02 -20.86
N GLN A 200 -10.20 8.25 -21.91
CA GLN A 200 -11.12 7.17 -22.29
C GLN A 200 -11.18 6.09 -21.22
N LEU A 201 -10.01 5.73 -20.66
CA LEU A 201 -9.98 4.73 -19.59
C LEU A 201 -10.84 5.16 -18.40
N ALA A 202 -10.76 6.43 -18.03
CA ALA A 202 -11.47 6.91 -16.84
C ALA A 202 -12.98 6.89 -17.01
N GLU A 203 -13.48 6.91 -18.26
CA GLU A 203 -14.91 6.79 -18.49
C GLU A 203 -15.39 5.34 -18.49
N HIS A 204 -14.47 4.37 -18.54
CA HIS A 204 -14.83 2.97 -18.59
C HIS A 204 -14.55 2.22 -17.29
N VAL A 205 -13.77 2.78 -16.38
CA VAL A 205 -13.47 2.15 -15.10
C VAL A 205 -14.20 2.94 -14.02
N PRO A 206 -15.02 2.30 -13.18
CA PRO A 206 -15.79 3.07 -12.19
C PRO A 206 -14.94 3.72 -11.12
N GLY A 207 -13.87 3.06 -10.67
CA GLY A 207 -13.01 3.59 -9.62
C GLY A 207 -11.66 4.03 -10.19
N VAL A 208 -11.28 5.26 -9.88
CA VAL A 208 -10.07 5.87 -10.41
C VAL A 208 -9.29 6.52 -9.25
N LEU A 209 -7.99 6.29 -9.22
CA LEU A 209 -7.08 6.94 -8.27
C LEU A 209 -5.99 7.66 -9.06
N LEU A 210 -5.99 8.99 -9.02
CA LEU A 210 -4.95 9.78 -9.67
C LEU A 210 -3.94 10.21 -8.61
N LEU A 211 -2.66 10.01 -8.92
CA LEU A 211 -1.57 10.26 -7.98
C LEU A 211 -0.61 11.27 -8.58
N THR A 212 -0.50 12.44 -7.94
CA THR A 212 0.49 13.45 -8.34
C THR A 212 0.62 14.47 -7.22
N ALA A 213 1.87 14.82 -6.89
CA ALA A 213 2.15 15.80 -5.85
C ALA A 213 2.26 17.22 -6.39
N THR A 214 1.93 17.44 -7.65
CA THR A 214 2.13 18.74 -8.27
C THR A 214 1.17 19.77 -7.67
N PRO A 215 1.66 20.91 -7.21
CA PRO A 215 0.75 21.96 -6.74
C PRO A 215 -0.06 22.54 -7.88
N GLU A 216 -1.32 22.85 -7.59
CA GLU A 216 -2.21 23.40 -8.62
C GLU A 216 -1.78 24.77 -9.09
N GLN A 217 -0.93 25.47 -8.32
CA GLN A 217 -0.48 26.80 -8.71
C GLN A 217 0.51 26.73 -9.87
N LEU A 218 1.24 25.62 -10.01
CA LEU A 218 2.19 25.48 -11.10
C LEU A 218 1.51 25.11 -12.41
N GLY A 219 0.27 24.64 -12.35
CA GLY A 219 -0.60 24.56 -13.51
C GLY A 219 -2.02 24.30 -13.08
N MET A 220 -2.94 25.16 -13.49
CA MET A 220 -4.32 25.08 -13.03
C MET A 220 -5.25 24.41 -14.02
N GLU A 221 -5.00 24.59 -15.32
CA GLU A 221 -5.82 23.93 -16.32
C GLU A 221 -5.66 22.41 -16.25
N SER A 222 -4.43 21.94 -16.07
CA SER A 222 -4.20 20.49 -15.96
C SER A 222 -4.76 19.94 -14.66
N HIS A 223 -4.64 20.69 -13.56
CA HIS A 223 -5.19 20.26 -12.29
C HIS A 223 -6.70 20.12 -12.38
N PHE A 224 -7.37 21.10 -13.00
CA PHE A 224 -8.82 21.03 -13.16
C PHE A 224 -9.21 19.90 -14.11
N ALA A 225 -8.40 19.67 -15.14
CA ALA A 225 -8.70 18.60 -16.08
C ALA A 225 -8.59 17.23 -15.43
N ARG A 226 -7.65 17.06 -14.49
CA ARG A 226 -7.57 15.81 -13.75
C ARG A 226 -8.77 15.65 -12.83
N LEU A 227 -9.18 16.73 -12.15
CA LEU A 227 -10.38 16.67 -11.33
C LEU A 227 -11.62 16.38 -12.17
N ARG A 228 -11.68 16.95 -13.37
CA ARG A 228 -12.82 16.71 -14.25
C ARG A 228 -12.86 15.26 -14.72
N LEU A 229 -11.71 14.63 -14.88
CA LEU A 229 -11.67 13.19 -15.13
C LEU A 229 -12.36 12.42 -14.00
N LEU A 230 -12.19 12.88 -12.77
CA LEU A 230 -12.76 12.18 -11.62
C LEU A 230 -14.27 12.40 -11.53
N ASP A 231 -14.73 13.62 -11.74
CA ASP A 231 -16.15 13.95 -11.63
C ASP A 231 -16.46 15.07 -12.60
N PRO A 232 -16.86 14.72 -13.84
CA PRO A 232 -17.16 15.75 -14.84
C PRO A 232 -18.43 16.53 -14.55
N ASN A 233 -19.32 16.01 -13.69
CA ASN A 233 -20.54 16.74 -13.35
C ASN A 233 -20.25 17.87 -12.36
N ARG A 234 -19.44 17.59 -11.34
CA ARG A 234 -19.08 18.61 -10.36
C ARG A 234 -18.08 19.60 -10.93
N PHE A 235 -17.05 19.11 -11.62
CA PHE A 235 -16.04 19.97 -12.23
C PHE A 235 -16.35 20.11 -13.72
N HIS A 236 -17.34 20.95 -14.01
CA HIS A 236 -17.84 21.11 -15.37
C HIS A 236 -17.41 22.40 -16.05
N ASP A 237 -16.91 23.39 -15.29
CA ASP A 237 -16.50 24.66 -15.88
C ASP A 237 -15.21 25.12 -15.21
N PHE A 238 -14.22 25.47 -16.04
CA PHE A 238 -12.91 25.84 -15.52
C PHE A 238 -12.95 27.21 -14.83
N ALA A 239 -13.58 28.19 -15.48
CA ALA A 239 -13.62 29.54 -14.92
C ALA A 239 -14.33 29.57 -13.58
N GLN A 240 -15.41 28.79 -13.44
CA GLN A 240 -16.11 28.71 -12.18
C GLN A 240 -15.21 28.13 -11.09
N PHE A 241 -14.44 27.09 -11.43
CA PHE A 241 -13.53 26.48 -10.45
C PHE A 241 -12.46 27.46 -10.02
N VAL A 242 -11.89 28.23 -10.96
CA VAL A 242 -10.90 29.23 -10.62
C VAL A 242 -11.50 30.27 -9.67
N GLU A 243 -12.72 30.72 -9.97
CA GLU A 243 -13.39 31.70 -9.12
C GLU A 243 -13.64 31.13 -7.73
N GLU A 244 -14.02 29.84 -7.65
CA GLU A 244 -14.24 29.20 -6.36
C GLU A 244 -12.97 29.20 -5.52
N GLN A 245 -11.84 28.83 -6.14
CA GLN A 245 -10.58 28.78 -5.40
C GLN A 245 -10.12 30.17 -4.96
N LYS A 246 -10.42 31.20 -5.76
CA LYS A 246 -10.13 32.56 -5.34
C LYS A 246 -11.02 32.98 -4.19
N ASN A 247 -12.32 32.75 -4.31
CA ASN A 247 -13.27 33.14 -3.27
C ASN A 247 -12.96 32.46 -1.95
N TYR A 248 -12.37 31.26 -1.98
CA TYR A 248 -12.14 30.49 -0.77
C TYR A 248 -10.84 30.89 -0.06
N ARG A 249 -9.90 31.51 -0.76
CA ARG A 249 -8.62 31.87 -0.14
C ARG A 249 -8.76 32.69 1.14
N PRO A 250 -9.64 33.70 1.24
CA PRO A 250 -9.80 34.37 2.54
C PRO A 250 -10.27 33.46 3.65
N VAL A 251 -11.12 32.48 3.34
CA VAL A 251 -11.59 31.55 4.37
C VAL A 251 -10.44 30.69 4.89
N ALA A 252 -9.61 30.17 3.98
CA ALA A 252 -8.50 29.33 4.41
C ALA A 252 -7.49 30.11 5.24
N ASP A 253 -7.28 31.39 4.93
CA ASP A 253 -6.36 32.21 5.70
C ASP A 253 -6.92 32.52 7.08
N ALA A 254 -8.19 32.91 7.15
CA ALA A 254 -8.82 33.16 8.44
C ALA A 254 -8.85 31.91 9.30
N VAL A 255 -9.13 30.75 8.68
CA VAL A 255 -9.09 29.50 9.41
C VAL A 255 -7.67 29.21 9.90
N ALA A 256 -6.68 29.42 9.02
CA ALA A 256 -5.29 29.19 9.40
C ALA A 256 -4.90 30.03 10.61
N MET A 257 -5.37 31.29 10.65
CA MET A 257 -5.08 32.15 11.80
C MET A 257 -5.75 31.62 13.06
N LEU A 258 -6.94 31.03 12.93
CA LEU A 258 -7.64 30.46 14.07
C LEU A 258 -6.79 29.40 14.76
N LEU A 259 -6.43 28.34 14.04
CA LEU A 259 -5.62 27.27 14.61
C LEU A 259 -4.22 27.75 14.99
N ALA A 260 -3.77 28.85 14.42
CA ALA A 260 -2.47 29.39 14.75
C ALA A 260 -2.53 30.11 16.08
N GLY A 261 -3.73 30.54 16.48
CA GLY A 261 -3.90 31.18 17.76
C GLY A 261 -4.34 32.62 17.82
N ASN A 262 -3.85 33.44 16.91
CA ASN A 262 -4.22 34.85 16.90
C ASN A 262 -5.72 34.93 16.71
N LYS A 263 -6.43 35.73 17.48
CA LYS A 263 -7.91 35.79 17.35
C LYS A 263 -8.43 36.44 16.07
N LEU A 264 -9.73 36.33 15.79
CA LEU A 264 -10.24 36.75 14.50
C LEU A 264 -10.92 38.12 14.54
N SER A 265 -10.85 38.81 13.40
CA SER A 265 -11.50 40.09 13.19
C SER A 265 -13.02 39.90 13.09
N ASN A 266 -13.76 40.99 13.33
CA ASN A 266 -15.21 40.93 13.30
C ASN A 266 -15.73 40.49 11.94
N ASP A 267 -15.27 41.15 10.88
CA ASP A 267 -15.65 40.80 9.52
C ASP A 267 -15.03 39.48 9.04
N GLU A 268 -13.97 39.01 9.70
CA GLU A 268 -13.31 37.78 9.30
C GLU A 268 -14.12 36.54 9.67
N LEU A 269 -15.03 36.64 10.64
CA LEU A 269 -15.81 35.51 11.11
C LEU A 269 -17.18 35.42 10.43
N ASN A 270 -17.86 36.55 10.21
CA ASN A 270 -19.06 36.54 9.40
C ASN A 270 -18.79 36.13 7.96
N MET A 271 -17.51 36.00 7.58
CA MET A 271 -17.10 35.39 6.34
C MET A 271 -16.91 33.88 6.50
N LEU A 272 -16.40 33.44 7.65
CA LEU A 272 -16.44 32.02 7.97
C LEU A 272 -17.90 31.55 8.13
N GLY A 273 -18.74 32.40 8.70
CA GLY A 273 -20.13 32.03 8.91
C GLY A 273 -20.94 31.96 7.63
N GLU A 274 -20.55 32.74 6.62
CA GLU A 274 -21.29 32.71 5.36
C GLU A 274 -21.04 31.43 4.59
N MET A 275 -19.81 30.93 4.61
CA MET A 275 -19.50 29.66 3.95
C MET A 275 -20.01 28.45 4.72
N ILE A 276 -20.32 28.63 6.00
CA ILE A 276 -20.90 27.58 6.82
C ILE A 276 -22.41 27.76 6.97
N GLY A 277 -23.04 28.48 6.04
CA GLY A 277 -24.37 29.03 6.15
C GLY A 277 -25.41 28.22 6.90
N GLU A 278 -25.88 28.79 8.01
CA GLU A 278 -26.85 28.17 8.90
C GLU A 278 -27.27 29.22 9.93
N GLN A 279 -28.46 29.10 10.50
CA GLN A 279 -29.00 30.18 11.33
C GLN A 279 -28.24 30.37 12.63
N ASP A 280 -28.25 29.37 13.50
CA ASP A 280 -27.56 29.47 14.79
C ASP A 280 -26.11 29.07 14.58
N ILE A 281 -25.27 30.05 14.28
CA ILE A 281 -23.84 29.83 14.16
C ILE A 281 -23.03 30.72 15.10
N GLU A 282 -23.61 31.81 15.60
CA GLU A 282 -22.85 32.73 16.45
C GLU A 282 -22.29 32.11 17.72
N PRO A 283 -23.04 31.29 18.49
CA PRO A 283 -22.45 30.75 19.72
C PRO A 283 -21.18 29.94 19.48
N LEU A 284 -21.18 29.06 18.49
CA LEU A 284 -19.99 28.25 18.21
C LEU A 284 -18.84 29.11 17.73
N LEU A 285 -19.12 30.08 16.85
CA LEU A 285 -18.06 30.93 16.31
C LEU A 285 -17.41 31.77 17.40
N GLN A 286 -18.22 32.34 18.30
CA GLN A 286 -17.66 33.15 19.38
C GLN A 286 -16.94 32.28 20.39
N ALA A 287 -17.44 31.06 20.64
CA ALA A 287 -16.77 30.16 21.58
C ALA A 287 -15.41 29.74 21.05
N ALA A 288 -15.30 29.52 19.75
CA ALA A 288 -14.01 29.16 19.16
C ALA A 288 -13.05 30.34 19.15
N ASN A 289 -13.53 31.51 18.77
CA ASN A 289 -12.72 32.72 18.70
C ASN A 289 -12.68 33.45 20.05
N SER A 290 -12.40 32.71 21.11
CA SER A 290 -12.35 33.29 22.45
C SER A 290 -11.09 32.91 23.21
N ASP A 291 -10.58 31.70 22.94
CA ASP A 291 -9.49 31.10 23.72
C ASP A 291 -9.86 31.00 25.20
N SER A 292 -11.09 30.54 25.45
CA SER A 292 -11.54 30.22 26.80
C SER A 292 -11.19 28.78 27.10
N GLU A 293 -11.78 28.30 28.16
CA GLU A 293 -11.60 26.92 28.49
C GLU A 293 -12.31 25.97 27.50
N ASP A 294 -13.27 26.49 26.71
CA ASP A 294 -14.08 25.72 25.75
C ASP A 294 -13.68 25.95 24.29
N ALA A 295 -12.78 26.88 24.03
CA ALA A 295 -12.39 27.18 22.67
C ALA A 295 -11.64 26.03 22.03
N GLN A 296 -10.90 25.25 22.82
CA GLN A 296 -10.15 24.13 22.25
C GLN A 296 -11.11 23.15 21.59
N SER A 297 -12.17 22.77 22.31
CA SER A 297 -13.19 21.91 21.73
C SER A 297 -13.93 22.63 20.62
N ALA A 298 -14.32 23.89 20.85
CA ALA A 298 -15.17 24.61 19.92
C ALA A 298 -14.58 24.70 18.51
N ARG A 299 -13.25 24.72 18.37
CA ARG A 299 -12.68 24.81 17.03
C ARG A 299 -12.72 23.48 16.31
N GLN A 300 -12.58 22.37 17.03
CA GLN A 300 -12.70 21.09 16.37
C GLN A 300 -14.10 20.89 15.78
N GLU A 301 -15.13 21.29 16.51
CA GLU A 301 -16.46 21.31 15.93
C GLU A 301 -16.55 22.31 14.77
N LEU A 302 -15.87 23.45 14.89
CA LEU A 302 -15.94 24.47 13.84
C LEU A 302 -15.29 23.98 12.55
N VAL A 303 -14.02 23.57 12.62
CA VAL A 303 -13.33 23.11 11.41
C VAL A 303 -14.02 21.86 10.86
N SER A 304 -14.61 21.04 11.73
CA SER A 304 -15.29 19.83 11.27
C SER A 304 -16.44 20.18 10.33
N MET A 305 -17.25 21.18 10.69
CA MET A 305 -18.33 21.60 9.82
C MET A 305 -17.82 22.37 8.61
N LEU A 306 -16.63 22.95 8.70
CA LEU A 306 -16.04 23.61 7.53
C LEU A 306 -15.42 22.60 6.57
N MET A 307 -14.84 21.51 7.08
CA MET A 307 -14.33 20.46 6.21
C MET A 307 -15.46 19.78 5.43
N ASP A 308 -16.63 19.66 6.03
CA ASP A 308 -17.77 19.06 5.34
C ASP A 308 -18.29 19.95 4.22
N ARG A 309 -17.97 21.24 4.24
CA ARG A 309 -18.39 22.18 3.19
C ARG A 309 -17.24 22.60 2.29
N HIS A 310 -16.07 22.00 2.45
CA HIS A 310 -14.93 22.32 1.60
C HIS A 310 -15.21 21.89 0.16
N GLY A 311 -14.69 22.68 -0.77
CA GLY A 311 -15.06 22.50 -2.18
C GLY A 311 -14.43 21.30 -2.83
N THR A 312 -13.28 20.83 -2.32
CA THR A 312 -12.53 19.78 -3.00
C THR A 312 -12.04 18.67 -2.08
N SER A 313 -12.08 18.84 -0.75
CA SER A 313 -11.42 17.89 0.15
C SER A 313 -12.02 16.50 0.10
N ARG A 314 -13.29 16.36 -0.33
CA ARG A 314 -13.89 15.04 -0.42
C ARG A 314 -13.19 14.18 -1.46
N VAL A 315 -12.64 14.79 -2.50
CA VAL A 315 -12.05 14.07 -3.62
C VAL A 315 -10.57 14.39 -3.82
N LEU A 316 -9.99 15.27 -3.00
CA LEU A 316 -8.59 15.65 -3.13
C LEU A 316 -7.94 15.62 -1.76
N PHE A 317 -6.87 14.84 -1.64
CA PHE A 317 -6.15 14.66 -0.38
C PHE A 317 -4.72 15.16 -0.54
N ARG A 318 -4.28 16.00 0.39
CA ARG A 318 -2.96 16.61 0.28
C ARG A 318 -2.38 16.83 1.68
N ASN A 319 -1.57 15.89 2.14
CA ASN A 319 -0.72 16.10 3.29
C ASN A 319 0.62 16.65 2.83
N THR A 320 1.22 17.52 3.65
CA THR A 320 2.48 18.15 3.31
C THR A 320 3.54 17.76 4.35
N ARG A 321 4.80 18.02 4.00
CA ARG A 321 5.89 17.66 4.89
C ARG A 321 5.96 18.60 6.09
N ASN A 322 5.60 19.87 5.91
CA ASN A 322 5.48 20.77 7.05
C ASN A 322 4.29 20.43 7.92
N GLY A 323 3.28 19.76 7.38
CA GLY A 323 2.13 19.35 8.15
C GLY A 323 2.32 18.02 8.84
N VAL A 324 2.91 17.06 8.13
CA VAL A 324 3.24 15.77 8.72
C VAL A 324 4.75 15.67 8.86
N LYS A 325 5.27 16.10 10.01
CA LYS A 325 6.70 16.03 10.25
C LYS A 325 7.11 14.60 10.62
N GLY A 326 8.40 14.34 10.53
CA GLY A 326 8.91 13.00 10.75
C GLY A 326 9.97 12.59 9.75
N PHE A 327 10.37 13.53 8.90
CA PHE A 327 11.45 13.26 7.97
C PHE A 327 12.79 13.70 8.57
N PRO A 328 13.88 13.02 8.24
CA PRO A 328 15.18 13.38 8.81
C PRO A 328 15.73 14.64 8.19
N LYS A 329 16.75 15.19 8.86
CA LYS A 329 17.50 16.30 8.30
C LYS A 329 18.49 15.80 7.26
N ARG A 330 18.80 16.65 6.30
CA ARG A 330 19.72 16.33 5.22
C ARG A 330 20.93 17.25 5.30
N GLU A 331 22.12 16.67 5.33
CA GLU A 331 23.37 17.41 5.48
C GLU A 331 24.25 17.16 4.27
N LEU A 332 24.67 18.24 3.61
CA LEU A 332 25.52 18.15 2.43
C LEU A 332 26.98 18.26 2.82
N HIS A 333 27.81 17.38 2.24
CA HIS A 333 29.26 17.42 2.40
C HIS A 333 29.89 17.29 1.02
N THR A 334 30.43 18.39 0.51
CA THR A 334 31.07 18.40 -0.80
C THR A 334 32.58 18.20 -0.64
N ILE A 335 33.18 17.56 -1.65
CA ILE A 335 34.60 17.25 -1.66
C ILE A 335 35.12 17.63 -3.04
N LYS A 336 35.76 18.78 -3.15
CA LYS A 336 36.35 19.22 -4.41
C LYS A 336 37.66 18.49 -4.65
N LEU A 337 37.81 17.93 -5.85
CA LEU A 337 38.97 17.14 -6.21
C LEU A 337 39.57 17.67 -7.51
N PRO A 338 40.89 17.54 -7.67
CA PRO A 338 41.54 18.05 -8.88
C PRO A 338 41.17 17.23 -10.11
N LEU A 339 41.15 17.92 -11.24
CA LEU A 339 40.86 17.26 -12.51
C LEU A 339 42.13 16.60 -13.04
N PRO A 340 42.17 15.27 -13.16
CA PRO A 340 43.36 14.62 -13.71
C PRO A 340 43.57 14.97 -15.16
N THR A 341 44.85 14.93 -15.58
CA THR A 341 45.20 15.33 -16.94
C THR A 341 44.63 14.37 -17.99
N GLN A 342 44.35 13.12 -17.63
CA GLN A 342 43.70 12.21 -18.56
C GLN A 342 42.32 12.74 -18.94
N TYR A 343 41.55 13.20 -17.95
CA TYR A 343 40.26 13.82 -18.25
C TYR A 343 40.45 15.15 -18.97
N GLN A 344 41.53 15.88 -18.65
CA GLN A 344 41.83 17.12 -19.35
C GLN A 344 42.02 16.87 -20.85
N THR A 345 42.81 15.85 -21.19
CA THR A 345 43.03 15.53 -22.59
C THR A 345 41.76 15.00 -23.25
N ALA A 346 41.04 14.10 -22.56
CA ALA A 346 39.82 13.55 -23.13
C ALA A 346 38.78 14.63 -23.38
N ILE A 347 38.67 15.59 -22.48
CA ILE A 347 37.70 16.67 -22.66
C ILE A 347 38.11 17.57 -23.83
N LYS A 348 39.42 17.82 -23.97
CA LYS A 348 39.89 18.69 -25.05
C LYS A 348 39.65 18.06 -26.41
N VAL A 349 40.03 16.79 -26.58
CA VAL A 349 39.79 16.10 -27.85
C VAL A 349 38.29 15.97 -28.10
N SER A 350 37.51 15.83 -27.03
CA SER A 350 36.05 15.83 -27.19
C SER A 350 35.55 17.16 -27.72
N GLY A 351 36.11 18.27 -27.21
CA GLY A 351 35.72 19.58 -27.72
C GLY A 351 36.18 19.83 -29.13
N ILE A 352 37.28 19.20 -29.55
CA ILE A 352 37.74 19.35 -30.92
C ILE A 352 36.86 18.56 -31.88
N MET A 353 36.29 17.44 -31.41
CA MET A 353 35.39 16.66 -32.25
C MET A 353 33.98 17.22 -32.27
N GLY A 354 33.58 17.92 -31.21
CA GLY A 354 32.21 18.39 -31.09
C GLY A 354 32.04 19.89 -31.24
N ALA A 355 32.75 20.50 -32.19
CA ALA A 355 32.56 21.91 -32.47
C ALA A 355 31.14 22.22 -32.93
N ARG A 356 30.45 21.23 -33.50
CA ARG A 356 29.05 21.37 -33.91
C ARG A 356 28.09 20.75 -32.91
N LYS A 357 28.56 19.82 -32.08
CA LYS A 357 27.71 19.16 -31.09
C LYS A 357 26.96 20.19 -30.25
N SER A 358 25.69 19.92 -30.00
CA SER A 358 24.84 20.88 -29.31
C SER A 358 25.33 21.12 -27.89
N ALA A 359 25.17 22.36 -27.42
CA ALA A 359 25.52 22.69 -26.05
C ALA A 359 24.75 21.82 -25.06
N GLU A 360 23.51 21.46 -25.40
CA GLU A 360 22.72 20.59 -24.55
C GLU A 360 23.40 19.23 -24.38
N ASP A 361 23.91 18.66 -25.47
CA ASP A 361 24.54 17.35 -25.39
C ASP A 361 25.90 17.42 -24.70
N ARG A 362 26.68 18.46 -25.01
CA ARG A 362 28.00 18.62 -24.38
C ARG A 362 27.86 18.77 -22.87
N ALA A 363 26.86 19.53 -22.43
CA ALA A 363 26.64 19.72 -21.00
C ALA A 363 26.40 18.39 -20.30
N ARG A 364 25.51 17.57 -20.85
CA ARG A 364 25.20 16.29 -20.22
C ARG A 364 26.40 15.34 -20.27
N ASP A 365 27.06 15.26 -21.42
CA ASP A 365 28.18 14.32 -21.58
C ASP A 365 29.26 14.58 -20.56
N MET A 366 29.66 15.83 -20.39
CA MET A 366 30.76 16.19 -19.49
C MET A 366 30.39 16.02 -18.02
N LEU A 367 29.16 15.65 -17.70
CA LEU A 367 28.81 15.34 -16.32
C LEU A 367 29.39 14.00 -15.87
N TYR A 368 29.69 13.11 -16.82
CA TYR A 368 30.21 11.78 -16.52
C TYR A 368 31.49 11.59 -17.31
N PRO A 369 32.61 12.11 -16.81
CA PRO A 369 33.86 12.10 -17.59
C PRO A 369 34.44 10.72 -17.81
N GLU A 370 34.06 9.73 -17.01
CA GLU A 370 34.52 8.36 -17.28
C GLU A 370 33.90 7.82 -18.57
N ARG A 371 32.73 8.33 -18.96
CA ARG A 371 32.13 7.94 -20.22
C ARG A 371 32.80 8.65 -21.39
N ILE A 372 33.20 9.91 -21.21
CA ILE A 372 33.98 10.59 -22.24
C ILE A 372 35.31 9.89 -22.44
N TYR A 373 35.97 9.50 -21.35
CA TYR A 373 37.26 8.82 -21.45
C TYR A 373 37.12 7.49 -22.18
N GLN A 374 36.08 6.72 -21.87
CA GLN A 374 35.90 5.43 -22.51
C GLN A 374 35.46 5.58 -23.97
N GLU A 375 34.78 6.68 -24.30
CA GLU A 375 34.34 6.89 -25.67
C GLU A 375 35.53 7.13 -26.61
N PHE A 376 36.69 7.48 -26.08
CA PHE A 376 37.91 7.61 -26.88
C PHE A 376 38.94 6.52 -26.61
N GLU A 377 38.98 5.97 -25.40
CA GLU A 377 39.95 4.94 -25.04
C GLU A 377 39.36 3.54 -25.04
N GLY A 378 38.10 3.38 -25.42
CA GLY A 378 37.47 2.08 -25.46
C GLY A 378 36.68 1.77 -24.20
N ASP A 379 35.73 0.86 -24.34
CA ASP A 379 34.92 0.45 -23.20
C ASP A 379 35.79 -0.30 -22.18
N ASN A 380 35.40 -0.18 -20.91
CA ASN A 380 36.13 -0.75 -19.78
C ASN A 380 37.57 -0.28 -19.70
N ALA A 381 37.88 0.85 -20.36
CA ALA A 381 39.21 1.44 -20.22
C ALA A 381 39.43 1.87 -18.77
N THR A 382 40.67 1.74 -18.32
CA THR A 382 41.00 1.87 -16.89
C THR A 382 41.01 3.33 -16.48
N TRP A 383 39.80 3.89 -16.29
CA TRP A 383 39.68 5.23 -15.74
C TRP A 383 39.75 5.25 -14.22
N TRP A 384 39.43 4.13 -13.57
CA TRP A 384 39.43 4.07 -12.11
C TRP A 384 40.83 4.14 -11.52
N ASN A 385 41.88 4.11 -12.35
CA ASN A 385 43.24 4.24 -11.84
C ASN A 385 43.58 5.67 -11.47
N PHE A 386 43.13 6.64 -12.28
CA PHE A 386 43.47 8.03 -12.07
C PHE A 386 42.32 8.89 -11.57
N ASP A 387 41.10 8.38 -11.56
CA ASP A 387 39.95 9.18 -11.15
C ASP A 387 40.00 9.44 -9.65
N PRO A 388 40.15 10.69 -9.20
CA PRO A 388 40.24 10.95 -7.76
C PRO A 388 38.95 10.66 -7.01
N ARG A 389 37.80 10.64 -7.68
CA ARG A 389 36.56 10.27 -7.01
C ARG A 389 36.62 8.85 -6.49
N VAL A 390 37.22 7.94 -7.26
CA VAL A 390 37.36 6.56 -6.82
C VAL A 390 38.27 6.48 -5.60
N GLU A 391 39.40 7.21 -5.63
CA GLU A 391 40.30 7.20 -4.49
C GLU A 391 39.63 7.75 -3.24
N TRP A 392 38.88 8.83 -3.37
CA TRP A 392 38.15 9.36 -2.22
C TRP A 392 37.13 8.35 -1.72
N LEU A 393 36.44 7.67 -2.62
CA LEU A 393 35.47 6.66 -2.21
C LEU A 393 36.17 5.51 -1.48
N MET A 394 37.36 5.12 -1.95
CA MET A 394 38.14 4.10 -1.26
C MET A 394 38.44 4.52 0.18
N GLY A 395 38.96 5.73 0.35
CA GLY A 395 39.34 6.19 1.67
C GLY A 395 38.15 6.36 2.60
N TYR A 396 36.99 6.73 2.06
CA TYR A 396 35.81 6.90 2.91
C TYR A 396 35.29 5.55 3.39
N LEU A 397 35.25 4.56 2.51
CA LEU A 397 34.67 3.27 2.88
C LEU A 397 35.59 2.48 3.81
N THR A 398 36.91 2.56 3.57
CA THR A 398 37.85 1.84 4.41
C THR A 398 37.87 2.40 5.83
N SER A 399 37.58 3.69 6.00
CA SER A 399 37.56 4.33 7.30
C SER A 399 36.16 4.40 7.90
N HIS A 400 35.17 3.77 7.26
CA HIS A 400 33.80 3.75 7.76
C HIS A 400 33.21 2.35 7.57
N ARG A 401 33.97 1.33 7.95
CA ARG A 401 33.62 -0.06 7.62
C ARG A 401 32.38 -0.54 8.36
N SER A 402 31.99 0.09 9.45
CA SER A 402 30.88 -0.40 10.27
C SER A 402 29.54 0.24 9.93
N GLN A 403 29.50 1.21 9.03
CA GLN A 403 28.26 1.87 8.65
C GLN A 403 27.88 1.52 7.22
N LYS A 404 26.58 1.46 6.96
CA LYS A 404 26.07 1.14 5.64
C LYS A 404 26.06 2.40 4.77
N VAL A 405 26.67 2.31 3.59
CA VAL A 405 26.77 3.44 2.67
C VAL A 405 26.06 3.06 1.37
N LEU A 406 25.33 4.01 0.82
CA LEU A 406 24.65 3.86 -0.47
C LEU A 406 25.30 4.78 -1.47
N VAL A 407 25.90 4.21 -2.51
CA VAL A 407 26.61 4.96 -3.55
C VAL A 407 25.77 4.92 -4.82
N ILE A 408 25.55 6.09 -5.41
CA ILE A 408 24.71 6.23 -6.59
C ILE A 408 25.51 6.89 -7.71
N CYS A 409 25.40 6.34 -8.92
CA CYS A 409 25.91 6.97 -10.12
C CYS A 409 24.86 6.84 -11.21
N ALA A 410 25.09 7.53 -12.33
CA ALA A 410 24.10 7.56 -13.39
C ALA A 410 24.03 6.23 -14.13
N LYS A 411 25.18 5.75 -14.61
CA LYS A 411 25.23 4.61 -15.51
C LYS A 411 25.48 3.32 -14.74
N ALA A 412 24.84 2.24 -15.18
CA ALA A 412 25.10 0.93 -14.60
C ALA A 412 26.55 0.51 -14.85
N ALA A 413 27.04 0.71 -16.08
CA ALA A 413 28.40 0.34 -16.42
C ALA A 413 29.41 0.94 -15.45
N THR A 414 29.15 2.15 -14.96
CA THR A 414 30.02 2.75 -13.96
C THR A 414 29.83 2.09 -12.60
N ALA A 415 28.59 1.79 -12.22
CA ALA A 415 28.34 1.14 -10.94
C ALA A 415 28.95 -0.25 -10.90
N LEU A 416 28.85 -1.00 -12.01
CA LEU A 416 29.46 -2.32 -12.06
C LEU A 416 30.98 -2.25 -12.04
N GLN A 417 31.55 -1.21 -12.66
CA GLN A 417 33.00 -1.04 -12.63
C GLN A 417 33.48 -0.66 -11.22
N LEU A 418 32.67 0.07 -10.46
CA LEU A 418 33.06 0.44 -9.10
C LEU A 418 33.06 -0.79 -8.18
N GLU A 419 32.11 -1.71 -8.39
CA GLU A 419 32.09 -2.93 -7.58
C GLU A 419 33.37 -3.73 -7.76
N GLN A 420 33.91 -3.76 -8.99
CA GLN A 420 35.10 -4.55 -9.25
C GLN A 420 36.33 -3.93 -8.62
N VAL A 421 36.52 -2.62 -8.79
CA VAL A 421 37.74 -1.98 -8.30
C VAL A 421 37.74 -1.92 -6.77
N LEU A 422 36.57 -1.69 -6.17
CA LEU A 422 36.50 -1.67 -4.71
C LEU A 422 36.75 -3.06 -4.13
N ARG A 423 36.40 -4.10 -4.87
CA ARG A 423 36.66 -5.47 -4.42
CA ARG A 423 36.67 -5.46 -4.40
C ARG A 423 38.12 -5.86 -4.63
N GLU A 424 38.71 -5.47 -5.76
CA GLU A 424 40.08 -5.86 -6.08
C GLU A 424 41.12 -5.02 -5.36
N ARG A 425 40.76 -3.88 -4.80
CA ARG A 425 41.72 -3.01 -4.14
C ARG A 425 41.65 -3.08 -2.61
N GLU A 426 40.45 -2.93 -2.05
CA GLU A 426 40.28 -2.93 -0.60
C GLU A 426 39.54 -4.16 -0.09
N GLY A 427 39.13 -5.07 -0.97
CA GLY A 427 38.42 -6.25 -0.54
C GLY A 427 37.06 -6.01 0.05
N ILE A 428 36.43 -4.88 -0.28
CA ILE A 428 35.12 -4.54 0.25
C ILE A 428 34.06 -5.09 -0.69
N ARG A 429 33.08 -5.79 -0.14
CA ARG A 429 32.01 -6.42 -0.92
C ARG A 429 30.83 -5.47 -1.01
N ALA A 430 30.27 -5.34 -2.21
CA ALA A 430 29.22 -4.37 -2.49
C ALA A 430 28.06 -5.05 -3.20
N ALA A 431 26.84 -4.82 -2.70
CA ALA A 431 25.64 -5.17 -3.45
C ALA A 431 25.40 -4.12 -4.53
N VAL A 432 24.79 -4.55 -5.62
CA VAL A 432 24.59 -3.70 -6.79
C VAL A 432 23.13 -3.72 -7.20
N PHE A 433 22.60 -2.54 -7.52
CA PHE A 433 21.28 -2.37 -8.11
C PHE A 433 21.41 -1.74 -9.48
N HIS A 434 20.80 -2.35 -10.48
CA HIS A 434 20.69 -1.71 -11.80
C HIS A 434 19.57 -2.38 -12.58
N GLU A 435 19.21 -1.73 -13.69
CA GLU A 435 18.04 -2.13 -14.47
C GLU A 435 18.22 -3.47 -15.18
N GLY A 436 19.47 -3.93 -15.33
CA GLY A 436 19.70 -5.20 -16.00
C GLY A 436 19.40 -6.44 -15.18
N MET A 437 19.23 -6.28 -13.87
CA MET A 437 18.95 -7.41 -12.99
C MET A 437 17.46 -7.69 -12.93
N SER A 438 17.12 -8.90 -12.50
CA SER A 438 15.74 -9.26 -12.25
C SER A 438 15.31 -8.77 -10.87
N ILE A 439 13.99 -8.72 -10.67
CA ILE A 439 13.45 -8.31 -9.38
C ILE A 439 13.94 -9.24 -8.27
N ILE A 440 14.04 -10.53 -8.58
CA ILE A 440 14.49 -11.50 -7.59
C ILE A 440 16.00 -11.34 -7.34
N GLU A 441 16.77 -11.02 -8.38
CA GLU A 441 18.18 -10.76 -8.20
C GLU A 441 18.41 -9.55 -7.31
N ARG A 442 17.64 -8.47 -7.53
CA ARG A 442 17.70 -7.32 -6.65
C ARG A 442 17.18 -7.63 -5.26
N ASP A 443 16.30 -8.62 -5.13
CA ASP A 443 15.82 -9.03 -3.80
C ASP A 443 16.95 -9.60 -2.97
N ARG A 444 17.81 -10.44 -3.56
CA ARG A 444 18.93 -11.00 -2.82
C ARG A 444 19.94 -9.92 -2.47
N ALA A 445 20.30 -9.08 -3.44
CA ALA A 445 21.27 -8.02 -3.18
C ALA A 445 20.77 -7.08 -2.09
N ALA A 446 19.46 -6.83 -2.04
CA ALA A 446 18.90 -6.00 -0.98
C ALA A 446 19.01 -6.68 0.37
N ALA A 447 18.60 -7.95 0.46
CA ALA A 447 18.71 -8.69 1.71
C ALA A 447 20.17 -8.80 2.16
N TRP A 448 21.10 -8.91 1.20
CA TRP A 448 22.52 -8.94 1.55
C TRP A 448 22.95 -7.62 2.19
N PHE A 449 22.50 -6.50 1.63
CA PHE A 449 22.84 -5.18 2.18
C PHE A 449 22.09 -4.89 3.47
N ALA A 450 20.94 -5.53 3.69
CA ALA A 450 20.14 -5.25 4.87
C ALA A 450 20.66 -5.93 6.12
N GLU A 451 21.55 -6.91 5.99
CA GLU A 451 22.10 -7.62 7.14
C GLU A 451 22.95 -6.66 7.96
N GLU A 452 22.53 -6.37 9.19
CA GLU A 452 23.45 -5.80 10.17
C GLU A 452 24.55 -6.79 10.54
N ASP A 453 24.41 -8.04 10.09
CA ASP A 453 25.29 -9.19 10.32
C ASP A 453 26.54 -9.27 9.45
N THR A 454 27.44 -8.28 9.42
CA THR A 454 28.47 -8.22 8.39
C THR A 454 27.88 -8.58 7.02
N GLY A 455 26.84 -7.84 6.67
CA GLY A 455 26.22 -7.94 5.36
C GLY A 455 27.08 -7.28 4.30
N ALA A 456 26.51 -6.96 3.15
CA ALA A 456 27.16 -6.02 2.27
C ALA A 456 27.10 -4.65 2.93
N GLN A 457 28.25 -4.00 3.04
CA GLN A 457 28.32 -2.72 3.73
C GLN A 457 28.16 -1.52 2.81
N VAL A 458 28.12 -1.73 1.50
CA VAL A 458 27.91 -0.65 0.54
C VAL A 458 26.98 -1.15 -0.56
N LEU A 459 25.96 -0.36 -0.87
CA LEU A 459 25.01 -0.67 -1.93
C LEU A 459 25.29 0.27 -3.10
N LEU A 460 25.59 -0.30 -4.27
CA LEU A 460 25.88 0.45 -5.47
C LEU A 460 24.65 0.49 -6.36
N CYS A 461 24.16 1.69 -6.66
CA CYS A 461 22.97 1.87 -7.46
C CYS A 461 23.28 2.70 -8.70
N SER A 462 22.68 2.30 -9.82
CA SER A 462 22.59 3.18 -10.98
C SER A 462 21.42 4.13 -10.76
N GLU A 463 21.00 4.83 -11.81
CA GLU A 463 19.85 5.71 -11.70
C GLU A 463 18.54 4.97 -11.46
N ILE A 464 18.57 3.63 -11.41
CA ILE A 464 17.35 2.84 -11.29
C ILE A 464 16.49 3.35 -10.16
N GLY A 465 15.20 3.53 -10.44
CA GLY A 465 14.30 4.05 -9.44
C GLY A 465 14.14 3.10 -8.27
N SER A 466 13.98 3.69 -7.08
CA SER A 466 13.79 2.89 -5.88
C SER A 466 12.50 2.07 -5.98
N GLU A 467 12.57 0.83 -5.49
CA GLU A 467 11.42 -0.06 -5.47
C GLU A 467 10.78 -0.13 -4.09
N GLY A 468 11.04 0.87 -3.24
CA GLY A 468 10.39 0.98 -1.96
C GLY A 468 11.04 0.23 -0.82
N ARG A 469 12.12 -0.49 -1.07
CA ARG A 469 12.79 -1.23 -0.01
C ARG A 469 13.34 -0.27 1.04
N ASN A 470 13.16 -0.63 2.31
CA ASN A 470 13.59 0.19 3.42
C ASN A 470 14.92 -0.33 3.96
N PHE A 471 15.89 0.58 4.10
CA PHE A 471 17.19 0.25 4.66
C PHE A 471 17.31 1.06 5.95
N GLN A 472 16.90 0.43 7.05
CA GLN A 472 16.79 1.08 8.35
C GLN A 472 18.10 1.73 8.78
N PHE A 473 19.19 0.98 8.68
CA PHE A 473 20.48 1.40 9.21
C PHE A 473 21.31 2.20 8.21
N ALA A 474 20.78 2.50 7.04
CA ALA A 474 21.50 3.28 6.04
C ALA A 474 21.13 4.75 6.17
N SER A 475 22.10 5.59 6.51
CA SER A 475 21.91 7.02 6.63
C SER A 475 23.01 7.82 5.95
N HIS A 476 23.94 7.16 5.27
CA HIS A 476 25.04 7.81 4.58
C HIS A 476 24.94 7.51 3.10
N MET A 477 24.97 8.57 2.28
CA MET A 477 24.80 8.46 0.84
C MET A 477 25.94 9.18 0.15
N VAL A 478 26.53 8.53 -0.85
CA VAL A 478 27.55 9.14 -1.70
C VAL A 478 26.97 9.27 -3.10
N MET A 479 26.96 10.49 -3.61
CA MET A 479 26.62 10.75 -5.00
C MET A 479 27.92 10.71 -5.79
N PHE A 480 28.19 9.59 -6.47
CA PHE A 480 29.42 9.48 -7.25
C PHE A 480 29.41 10.50 -8.39
N ASP A 481 28.25 10.73 -8.99
CA ASP A 481 28.05 11.83 -9.93
C ASP A 481 26.71 12.48 -9.62
N LEU A 482 26.33 13.47 -10.43
CA LEU A 482 25.08 14.17 -10.22
C LEU A 482 24.15 13.98 -11.40
N PRO A 483 22.86 13.82 -11.16
CA PRO A 483 21.91 13.68 -12.27
C PRO A 483 21.65 15.01 -12.98
N PHE A 484 21.09 14.90 -14.18
CA PHE A 484 21.03 16.04 -15.09
C PHE A 484 19.87 16.99 -14.80
N ASN A 485 18.86 16.56 -14.05
CA ASN A 485 17.71 17.40 -13.75
C ASN A 485 17.35 17.24 -12.28
N PRO A 486 16.67 18.24 -11.70
CA PRO A 486 16.41 18.21 -10.24
C PRO A 486 15.42 17.14 -9.82
N ASP A 487 14.57 16.65 -10.72
CA ASP A 487 13.62 15.61 -10.32
C ASP A 487 14.35 14.30 -10.01
N LEU A 488 15.36 13.95 -10.80
CA LEU A 488 16.16 12.77 -10.51
C LEU A 488 16.93 12.92 -9.21
N LEU A 489 17.31 14.15 -8.87
CA LEU A 489 18.08 14.37 -7.65
C LEU A 489 17.25 14.04 -6.41
N GLU A 490 16.01 14.54 -6.35
CA GLU A 490 15.16 14.26 -5.20
C GLU A 490 14.78 12.79 -5.12
N GLN A 491 14.61 12.14 -6.27
CA GLN A 491 14.36 10.69 -6.26
C GLN A 491 15.55 9.95 -5.67
N ARG A 492 16.77 10.42 -5.95
CA ARG A 492 17.96 9.81 -5.35
C ARG A 492 17.96 9.97 -3.84
N ILE A 493 17.82 11.21 -3.36
CA ILE A 493 17.84 11.48 -1.93
C ILE A 493 16.71 10.75 -1.22
N GLY A 494 15.58 10.55 -1.91
CA GLY A 494 14.44 9.86 -1.32
C GLY A 494 14.68 8.40 -1.00
N ARG A 495 15.80 7.82 -1.45
CA ARG A 495 16.10 6.45 -1.09
C ARG A 495 16.39 6.30 0.40
N LEU A 496 16.88 7.35 1.05
CA LEU A 496 17.13 7.36 2.48
C LEU A 496 16.32 8.39 3.24
N ASP A 497 15.94 9.50 2.60
CA ASP A 497 15.08 10.50 3.22
C ASP A 497 13.65 9.96 3.24
N ARG A 498 13.41 9.03 4.18
CA ARG A 498 12.15 8.33 4.28
C ARG A 498 11.39 8.78 5.51
N ILE A 499 10.06 8.65 5.44
CA ILE A 499 9.23 8.94 6.59
C ILE A 499 9.56 7.96 7.71
N GLY A 500 9.63 8.47 8.94
CA GLY A 500 9.98 7.66 10.08
C GLY A 500 11.47 7.42 10.28
N GLN A 501 12.31 7.82 9.33
CA GLN A 501 13.75 7.70 9.48
C GLN A 501 14.25 8.77 10.44
N ALA A 502 14.94 8.36 11.50
CA ALA A 502 15.34 9.27 12.56
C ALA A 502 16.71 9.88 12.36
N HIS A 503 17.69 9.08 11.96
CA HIS A 503 19.06 9.57 11.81
C HIS A 503 19.15 10.58 10.67
N ASP A 504 19.97 11.61 10.88
CA ASP A 504 20.25 12.57 9.81
C ASP A 504 20.87 11.87 8.61
N ILE A 505 20.53 12.34 7.42
CA ILE A 505 21.05 11.79 6.18
C ILE A 505 22.29 12.57 5.78
N GLN A 506 23.41 11.88 5.66
CA GLN A 506 24.67 12.48 5.22
C GLN A 506 24.83 12.24 3.72
N ILE A 507 24.92 13.33 2.96
CA ILE A 507 25.06 13.28 1.52
C ILE A 507 26.45 13.79 1.15
N HIS A 508 27.27 12.90 0.59
CA HIS A 508 28.64 13.23 0.20
C HIS A 508 28.71 13.34 -1.32
N VAL A 509 29.28 14.44 -1.80
CA VAL A 509 29.37 14.69 -3.23
C VAL A 509 30.82 14.96 -3.62
N PRO A 510 31.59 13.92 -3.96
CA PRO A 510 32.91 14.16 -4.56
C PRO A 510 32.75 14.57 -6.02
N TYR A 511 33.44 15.65 -6.41
CA TYR A 511 33.28 16.18 -7.75
C TYR A 511 34.61 16.72 -8.25
N LEU A 512 34.75 16.78 -9.57
CA LEU A 512 35.92 17.34 -10.20
C LEU A 512 35.75 18.84 -10.37
N GLU A 513 36.80 19.60 -10.04
CA GLU A 513 36.72 21.04 -10.14
C GLU A 513 36.79 21.50 -11.59
N LYS A 514 36.23 22.69 -11.85
CA LYS A 514 36.16 23.31 -13.17
C LYS A 514 35.66 22.36 -14.27
N THR A 515 34.67 21.54 -13.93
CA THR A 515 33.96 20.72 -14.91
C THR A 515 32.47 21.02 -14.78
N ALA A 516 31.65 20.27 -15.53
CA ALA A 516 30.21 20.39 -15.40
C ALA A 516 29.71 19.88 -14.05
N GLN A 517 30.47 18.99 -13.41
CA GLN A 517 30.11 18.55 -12.06
C GLN A 517 30.15 19.71 -11.08
N SER A 518 31.25 20.48 -11.11
CA SER A 518 31.38 21.60 -10.18
C SER A 518 30.32 22.68 -10.43
N VAL A 519 29.92 22.86 -11.68
CA VAL A 519 28.87 23.83 -11.97
C VAL A 519 27.52 23.33 -11.44
N LEU A 520 27.23 22.04 -11.62
CA LEU A 520 25.95 21.51 -11.19
C LEU A 520 25.83 21.47 -9.67
N VAL A 521 26.94 21.16 -8.97
CA VAL A 521 26.91 21.19 -7.51
C VAL A 521 26.51 22.57 -7.02
N ARG A 522 27.10 23.62 -7.61
CA ARG A 522 26.79 24.97 -7.20
C ARG A 522 25.33 25.32 -7.47
N TRP A 523 24.81 24.93 -8.64
CA TRP A 523 23.43 25.29 -8.97
C TRP A 523 22.44 24.55 -8.10
N TYR A 524 22.66 23.24 -7.86
CA TYR A 524 21.76 22.48 -7.00
C TYR A 524 21.77 23.02 -5.57
N HIS A 525 22.96 23.24 -5.02
CA HIS A 525 23.08 23.63 -3.62
C HIS A 525 22.79 25.12 -3.43
N GLU A 526 23.53 25.98 -4.13
CA GLU A 526 23.37 27.42 -3.92
C GLU A 526 22.11 27.96 -4.61
N GLY A 527 21.74 27.41 -5.75
CA GLY A 527 20.63 27.95 -6.51
C GLY A 527 19.26 27.41 -6.09
N LEU A 528 19.17 26.12 -5.79
CA LEU A 528 17.91 25.50 -5.44
C LEU A 528 17.83 25.01 -4.00
N ASP A 529 18.95 24.93 -3.29
CA ASP A 529 18.99 24.34 -1.95
C ASP A 529 18.42 22.92 -1.98
N ALA A 530 18.67 22.22 -3.08
CA ALA A 530 18.01 20.95 -3.35
C ALA A 530 18.61 19.77 -2.58
N PHE A 531 19.80 19.93 -2.00
CA PHE A 531 20.41 18.82 -1.28
C PHE A 531 19.84 18.67 0.13
N GLU A 532 19.78 19.77 0.87
CA GLU A 532 19.46 19.70 2.30
C GLU A 532 17.98 19.87 2.60
N HIS A 533 17.20 20.40 1.66
CA HIS A 533 15.76 20.55 1.85
C HIS A 533 15.07 20.13 0.57
N THR A 534 13.98 19.36 0.72
CA THR A 534 13.22 18.90 -0.44
C THR A 534 12.77 20.11 -1.26
N CYS A 535 12.96 20.01 -2.58
CA CYS A 535 12.83 21.18 -3.45
C CYS A 535 11.52 21.12 -4.21
N PRO A 536 10.50 21.90 -3.82
CA PRO A 536 9.26 21.95 -4.60
C PRO A 536 9.33 22.86 -5.81
N THR A 537 10.43 23.57 -6.00
CA THR A 537 10.58 24.57 -7.05
C THR A 537 11.54 24.15 -8.16
N GLY A 538 12.28 23.06 -7.99
CA GLY A 538 13.33 22.67 -8.90
C GLY A 538 12.92 22.60 -10.36
N ARG A 539 11.90 21.80 -10.67
CA ARG A 539 11.48 21.62 -12.06
C ARG A 539 11.06 22.93 -12.69
N THR A 540 10.29 23.75 -11.97
CA THR A 540 9.80 25.00 -12.53
C THR A 540 10.95 25.93 -12.91
N ILE A 541 11.91 26.11 -12.00
CA ILE A 541 13.04 26.98 -12.28
C ILE A 541 13.95 26.36 -13.33
N TYR A 542 14.18 25.05 -13.24
CA TYR A 542 15.03 24.36 -14.20
C TYR A 542 14.54 24.55 -15.62
N ASP A 543 13.21 24.55 -15.82
CA ASP A 543 12.67 24.77 -17.16
C ASP A 543 12.95 26.20 -17.64
N SER A 544 12.86 27.18 -16.74
CA SER A 544 13.01 28.57 -17.15
C SER A 544 14.45 28.90 -17.55
N VAL A 545 15.42 28.26 -16.95
CA VAL A 545 16.83 28.60 -17.16
C VAL A 545 17.59 27.48 -17.88
N TYR A 546 16.86 26.55 -18.50
CA TYR A 546 17.47 25.34 -19.06
C TYR A 546 18.59 25.67 -20.05
N ASN A 547 18.25 26.29 -21.18
CA ASN A 547 19.28 26.62 -22.16
C ASN A 547 20.25 27.68 -21.67
N ASP A 548 19.94 28.34 -20.55
CA ASP A 548 20.90 29.26 -19.93
C ASP A 548 21.88 28.50 -19.05
N LEU A 549 21.37 27.62 -18.17
CA LEU A 549 22.24 26.81 -17.33
C LEU A 549 23.08 25.84 -18.14
N ILE A 550 22.54 25.37 -19.28
CA ILE A 550 23.28 24.44 -20.13
C ILE A 550 24.60 25.03 -20.56
N ASN A 551 24.62 26.33 -20.89
CA ASN A 551 25.84 26.96 -21.38
C ASN A 551 26.96 26.91 -20.34
N TYR A 552 26.62 27.18 -19.08
CA TYR A 552 27.64 27.12 -18.03
C TYR A 552 28.11 25.69 -17.79
N LEU A 553 27.21 24.71 -17.96
CA LEU A 553 27.63 23.32 -17.88
C LEU A 553 28.60 22.97 -19.00
N ALA A 554 28.27 23.38 -20.24
CA ALA A 554 29.07 22.99 -21.40
C ALA A 554 30.42 23.71 -21.42
N SER A 555 30.49 24.93 -20.89
CA SER A 555 31.73 25.72 -20.89
C SER A 555 32.05 26.14 -19.46
N PRO A 556 32.52 25.21 -18.62
CA PRO A 556 32.77 25.54 -17.21
C PRO A 556 33.92 26.51 -16.99
N ASP A 557 34.69 26.84 -18.04
CA ASP A 557 35.80 27.78 -17.87
C ASP A 557 35.33 29.22 -17.91
N GLN A 558 34.29 29.53 -18.69
CA GLN A 558 33.74 30.88 -18.79
C GLN A 558 32.57 30.96 -17.82
N THR A 559 32.79 31.64 -16.69
CA THR A 559 31.83 31.72 -15.61
C THR A 559 31.19 33.11 -15.47
N GLU A 560 31.28 33.94 -16.51
CA GLU A 560 30.70 35.27 -16.44
C GLU A 560 29.19 35.18 -16.29
N GLY A 561 28.67 35.77 -15.22
CA GLY A 561 27.25 35.79 -14.97
C GLY A 561 26.70 34.56 -14.28
N PHE A 562 27.54 33.58 -13.95
CA PHE A 562 27.05 32.39 -13.26
C PHE A 562 26.53 32.73 -11.87
N ASP A 563 27.27 33.56 -11.12
CA ASP A 563 26.78 34.01 -9.82
C ASP A 563 25.49 34.79 -9.94
N ASP A 564 25.33 35.55 -11.02
CA ASP A 564 24.06 36.26 -11.25
C ASP A 564 22.94 35.27 -11.50
N LEU A 565 23.21 34.20 -12.24
CA LEU A 565 22.19 33.18 -12.47
C LEU A 565 21.81 32.48 -11.18
N ILE A 566 22.82 32.08 -10.39
CA ILE A 566 22.55 31.44 -9.10
C ILE A 566 21.71 32.35 -8.23
N LYS A 567 22.08 33.63 -8.15
CA LYS A 567 21.28 34.59 -7.40
C LYS A 567 19.85 34.66 -7.91
N ASN A 568 19.68 34.71 -9.23
CA ASN A 568 18.34 34.75 -9.81
C ASN A 568 17.52 33.53 -9.43
N CYS A 569 18.13 32.35 -9.52
CA CYS A 569 17.40 31.12 -9.23
C CYS A 569 17.06 31.00 -7.74
N ARG A 570 18.01 31.35 -6.87
CA ARG A 570 17.75 31.23 -5.44
C ARG A 570 16.65 32.17 -4.98
N GLU A 571 16.64 33.40 -5.50
CA GLU A 571 15.60 34.35 -5.11
C GLU A 571 14.24 33.91 -5.63
N GLN A 572 14.19 33.33 -6.83
CA GLN A 572 12.94 32.77 -7.33
C GLN A 572 12.54 31.54 -6.53
N HIS A 573 13.53 30.73 -6.13
CA HIS A 573 13.23 29.55 -5.32
C HIS A 573 12.64 29.94 -3.98
N GLU A 574 13.26 30.90 -3.30
CA GLU A 574 12.77 31.33 -1.99
C GLU A 574 11.37 31.93 -2.09
N ALA A 575 11.12 32.71 -3.14
CA ALA A 575 9.80 33.34 -3.30
C ALA A 575 8.73 32.31 -3.59
N LEU A 576 9.00 31.38 -4.52
CA LEU A 576 8.03 30.34 -4.84
C LEU A 576 7.80 29.42 -3.65
N LYS A 577 8.86 29.14 -2.89
CA LYS A 577 8.72 28.29 -1.70
C LYS A 577 7.79 28.93 -0.68
N ALA A 578 8.05 30.19 -0.32
CA ALA A 578 7.22 30.86 0.67
C ALA A 578 5.79 31.06 0.17
N GLN A 579 5.61 31.26 -1.14
CA GLN A 579 4.28 31.43 -1.68
C GLN A 579 3.47 30.14 -1.60
N LEU A 580 4.11 29.00 -1.86
CA LEU A 580 3.42 27.73 -1.72
C LEU A 580 2.99 27.48 -0.28
N GLU A 581 3.79 27.92 0.68
CA GLU A 581 3.44 27.71 2.09
C GLU A 581 2.32 28.64 2.53
N GLN A 582 2.24 29.84 1.96
CA GLN A 582 1.12 30.74 2.27
C GLN A 582 -0.18 30.16 1.72
N GLY A 583 -0.17 29.71 0.47
CA GLY A 583 -1.35 29.12 -0.13
C GLY A 583 -1.72 27.74 0.38
N ARG A 584 -0.91 27.17 1.28
CA ARG A 584 -1.22 25.86 1.85
C ARG A 584 -2.57 25.91 2.56
N ASP A 585 -3.52 25.12 2.06
CA ASP A 585 -4.89 25.08 2.58
C ASP A 585 -4.89 24.28 3.87
N ARG A 586 -4.95 24.97 5.01
CA ARG A 586 -4.91 24.27 6.30
C ARG A 586 -6.15 23.41 6.49
N LEU A 587 -7.30 23.87 6.01
CA LEU A 587 -8.51 23.07 6.11
C LEU A 587 -8.39 21.78 5.30
N LEU A 588 -7.73 21.85 4.15
CA LEU A 588 -7.46 20.65 3.36
C LEU A 588 -6.47 19.75 4.07
N GLU A 589 -5.48 20.33 4.75
CA GLU A 589 -4.47 19.54 5.45
C GLU A 589 -5.10 18.74 6.59
N ILE A 590 -6.05 19.34 7.31
CA ILE A 590 -6.66 18.66 8.45
C ILE A 590 -7.53 17.51 7.97
N HIS A 591 -8.29 17.72 6.88
CA HIS A 591 -9.08 16.62 6.32
C HIS A 591 -8.18 15.51 5.79
N SER A 592 -6.97 15.86 5.36
CA SER A 592 -6.07 14.86 4.78
C SER A 592 -5.45 13.97 5.85
N ASN A 593 -5.12 14.53 7.01
CA ASN A 593 -4.50 13.74 8.07
C ASN A 593 -5.50 13.10 9.01
N GLY A 594 -6.71 13.65 9.13
CA GLY A 594 -7.77 13.02 9.89
C GLY A 594 -7.83 13.37 11.36
N GLY A 595 -6.90 14.16 11.87
CA GLY A 595 -6.95 14.61 13.25
C GLY A 595 -6.83 13.46 14.24
N GLU A 596 -7.49 13.62 15.39
CA GLU A 596 -7.40 12.65 16.46
C GLU A 596 -8.14 11.36 16.15
N LYS A 597 -9.16 11.40 15.29
CA LYS A 597 -9.86 10.19 14.90
C LYS A 597 -8.94 9.24 14.13
N ALA A 598 -7.98 9.77 13.39
CA ALA A 598 -7.04 8.92 12.65
C ALA A 598 -5.96 8.37 13.57
N GLN A 599 -5.51 9.17 14.55
CA GLN A 599 -4.57 8.66 15.54
C GLN A 599 -5.17 7.50 16.33
N ALA A 600 -6.46 7.59 16.65
CA ALA A 600 -7.14 6.48 17.32
C ALA A 600 -7.22 5.27 16.40
N LEU A 601 -7.45 5.50 15.10
CA LEU A 601 -7.48 4.40 14.15
C LEU A 601 -6.13 3.68 14.10
N ALA A 602 -5.04 4.42 14.21
CA ALA A 602 -3.71 3.80 14.20
C ALA A 602 -3.48 3.00 15.49
N GLU A 603 -3.91 3.54 16.63
CA GLU A 603 -3.74 2.83 17.89
C GLU A 603 -4.57 1.55 17.93
N SER A 604 -5.79 1.60 17.37
CA SER A 604 -6.65 0.43 17.39
C SER A 604 -6.05 -0.73 16.61
N ILE A 605 -5.44 -0.43 15.47
CA ILE A 605 -4.83 -1.50 14.66
C ILE A 605 -3.62 -2.09 15.38
N GLU A 606 -2.80 -1.24 16.00
CA GLU A 606 -1.65 -1.74 16.74
C GLU A 606 -2.05 -2.58 17.94
N GLU A 607 -3.18 -2.26 18.56
CA GLU A 607 -3.68 -3.09 19.66
CA GLU A 607 -3.68 -3.09 19.66
C GLU A 607 -4.17 -4.43 19.16
N GLN A 608 -4.89 -4.44 18.02
CA GLN A 608 -5.33 -5.69 17.41
C GLN A 608 -4.16 -6.54 16.94
N ASP A 609 -2.98 -5.95 16.79
CA ASP A 609 -1.87 -6.59 16.07
C ASP A 609 -1.50 -7.94 16.69
N ASP A 610 -1.07 -7.93 17.95
CA ASP A 610 -0.59 -9.15 18.57
C ASP A 610 -1.75 -10.11 18.82
N ASP A 611 -1.98 -11.01 17.87
CA ASP A 611 -3.14 -11.89 17.85
C ASP A 611 -2.70 -13.29 18.23
N THR A 612 -3.01 -13.70 19.46
CA THR A 612 -2.70 -15.07 19.88
C THR A 612 -3.66 -16.08 19.31
N ASN A 613 -4.86 -15.66 18.88
CA ASN A 613 -5.74 -16.56 18.13
C ASN A 613 -5.09 -16.94 16.80
N LEU A 614 -4.42 -15.98 16.16
CA LEU A 614 -3.84 -16.22 14.84
C LEU A 614 -2.67 -17.19 14.93
N ILE A 615 -1.74 -16.95 15.86
CA ILE A 615 -0.61 -17.85 16.04
C ILE A 615 -1.11 -19.26 16.35
N ALA A 616 -2.12 -19.36 17.23
CA ALA A 616 -2.69 -20.65 17.55
C ALA A 616 -3.28 -21.31 16.30
N PHE A 617 -4.11 -20.58 15.56
CA PHE A 617 -4.76 -21.16 14.39
C PHE A 617 -3.75 -21.45 13.28
N ALA A 618 -2.73 -20.59 13.13
CA ALA A 618 -1.77 -20.79 12.05
C ALA A 618 -0.95 -22.06 12.25
N MET A 619 -0.55 -22.35 13.49
CA MET A 619 0.21 -23.57 13.74
C MET A 619 -0.67 -24.80 13.63
N ASN A 620 -1.92 -24.71 14.10
CA ASN A 620 -2.86 -25.80 13.89
C ASN A 620 -3.16 -26.00 12.42
N LEU A 621 -3.20 -24.91 11.65
CA LEU A 621 -3.48 -25.00 10.23
C LEU A 621 -2.32 -25.63 9.47
N PHE A 622 -1.08 -25.35 9.88
CA PHE A 622 0.07 -25.84 9.15
C PHE A 622 0.34 -27.31 9.42
N ASP A 623 0.03 -27.80 10.62
CA ASP A 623 0.19 -29.22 10.91
C ASP A 623 -0.70 -30.08 10.03
N ILE A 624 -1.97 -29.67 9.87
CA ILE A 624 -2.91 -30.46 9.10
C ILE A 624 -2.57 -30.40 7.61
N ILE A 625 -2.27 -29.20 7.11
CA ILE A 625 -1.86 -29.05 5.72
C ILE A 625 -0.55 -29.81 5.46
N GLY A 626 0.28 -29.93 6.49
CA GLY A 626 1.51 -30.69 6.39
C GLY A 626 2.78 -29.88 6.22
N ILE A 627 2.83 -28.67 6.78
CA ILE A 627 4.00 -27.81 6.66
C ILE A 627 4.87 -27.99 7.89
N ASN A 628 6.18 -28.11 7.66
CA ASN A 628 7.15 -28.24 8.74
C ASN A 628 7.62 -26.85 9.16
N GLN A 629 7.37 -26.50 10.43
CA GLN A 629 7.75 -25.22 10.97
C GLN A 629 9.05 -25.36 11.76
N ASP A 630 10.06 -24.57 11.40
CA ASP A 630 11.32 -24.50 12.12
C ASP A 630 11.39 -23.14 12.78
N ASP A 631 11.18 -23.10 14.10
CA ASP A 631 11.16 -21.85 14.85
C ASP A 631 12.60 -21.42 15.11
N ARG A 632 13.06 -20.40 14.38
CA ARG A 632 14.41 -19.87 14.56
C ARG A 632 14.54 -18.97 15.78
N GLY A 633 13.48 -18.84 16.60
CA GLY A 633 13.56 -18.14 17.87
C GLY A 633 13.63 -16.63 17.78
N ASP A 634 13.95 -16.10 16.61
CA ASP A 634 14.14 -14.67 16.40
C ASP A 634 12.88 -13.97 15.92
N ASN A 635 11.71 -14.44 16.35
CA ASN A 635 10.40 -14.01 15.86
C ASN A 635 10.15 -14.43 14.41
N MET A 636 10.93 -15.38 13.90
CA MET A 636 10.82 -15.82 12.52
C MET A 636 10.80 -17.34 12.47
N ILE A 637 9.97 -17.87 11.58
CA ILE A 637 9.80 -19.31 11.39
C ILE A 637 9.98 -19.62 9.91
N VAL A 638 10.66 -20.72 9.62
CA VAL A 638 10.90 -21.18 8.25
C VAL A 638 9.89 -22.28 7.94
N LEU A 639 9.05 -22.04 6.93
CA LEU A 639 8.04 -23.01 6.51
C LEU A 639 8.58 -23.79 5.32
N THR A 640 8.60 -25.12 5.45
CA THR A 640 9.03 -26.01 4.38
C THR A 640 8.01 -27.12 4.22
N PRO A 641 7.59 -27.44 3.00
CA PRO A 641 6.60 -28.51 2.81
C PRO A 641 7.20 -29.87 3.12
N SER A 642 6.30 -30.82 3.39
CA SER A 642 6.66 -32.18 3.76
C SER A 642 6.06 -33.17 2.77
N ASP A 643 6.14 -34.45 3.09
CA ASP A 643 5.53 -35.48 2.26
C ASP A 643 4.01 -35.45 2.39
N HIS A 644 3.51 -35.40 3.62
CA HIS A 644 2.10 -35.55 3.90
C HIS A 644 1.33 -34.25 3.68
N MET A 645 1.46 -33.65 2.50
CA MET A 645 0.71 -32.45 2.16
C MET A 645 -0.65 -32.84 1.62
N LEU A 646 -1.68 -32.09 2.04
CA LEU A 646 -3.03 -32.33 1.53
C LEU A 646 -3.09 -32.11 0.02
N VAL A 647 -2.84 -30.87 -0.42
CA VAL A 647 -2.79 -30.50 -1.84
C VAL A 647 -1.32 -30.64 -2.25
N PRO A 648 -1.01 -31.06 -3.49
CA PRO A 648 0.41 -31.12 -3.88
C PRO A 648 1.11 -29.78 -3.81
N ASP A 649 0.49 -28.73 -4.34
CA ASP A 649 1.06 -27.40 -4.35
C ASP A 649 0.16 -26.49 -3.53
N PHE A 650 0.65 -26.07 -2.36
CA PHE A 650 -0.08 -25.03 -1.63
C PHE A 650 0.42 -23.66 -2.07
N PRO A 651 -0.48 -22.72 -2.39
CA PRO A 651 -0.11 -21.50 -3.14
C PRO A 651 1.17 -20.81 -2.72
N GLY A 652 1.27 -20.39 -1.46
CA GLY A 652 2.37 -19.54 -1.04
C GLY A 652 3.71 -20.21 -0.81
N LEU A 653 3.79 -21.52 -0.94
CA LEU A 653 4.99 -22.26 -0.57
C LEU A 653 5.90 -22.52 -1.76
N SER A 654 7.17 -22.79 -1.45
CA SER A 654 8.14 -23.29 -2.40
C SER A 654 8.90 -24.43 -1.74
N GLU A 655 9.55 -25.26 -2.57
CA GLU A 655 10.35 -26.35 -2.01
C GLU A 655 11.63 -25.82 -1.35
N ASP A 656 12.06 -24.61 -1.70
CA ASP A 656 13.19 -23.99 -1.01
C ASP A 656 12.82 -23.53 0.39
N GLY A 657 11.55 -23.30 0.65
CA GLY A 657 11.10 -22.83 1.95
C GLY A 657 10.94 -21.32 1.99
N ILE A 658 9.96 -20.86 2.78
CA ILE A 658 9.70 -19.44 2.95
C ILE A 658 9.88 -19.09 4.42
N THR A 659 10.26 -17.84 4.66
CA THR A 659 10.43 -17.32 6.02
C THR A 659 9.24 -16.45 6.36
N ILE A 660 8.68 -16.63 7.56
CA ILE A 660 7.48 -15.92 7.98
C ILE A 660 7.70 -15.30 9.35
N THR A 661 6.89 -14.29 9.65
CA THR A 661 6.83 -13.69 10.98
C THR A 661 5.41 -13.22 11.23
N PHE A 662 5.07 -13.11 12.51
CA PHE A 662 3.77 -12.58 12.91
C PHE A 662 3.86 -11.16 13.45
N ASP A 663 5.08 -10.65 13.68
CA ASP A 663 5.28 -9.34 14.29
C ASP A 663 5.44 -8.28 13.20
N ARG A 664 4.70 -7.17 13.33
CA ARG A 664 4.75 -6.13 12.31
C ARG A 664 6.13 -5.47 12.25
N GLU A 665 6.76 -5.25 13.40
CA GLU A 665 8.05 -4.57 13.40
C GLU A 665 9.15 -5.46 12.82
N VAL A 666 9.07 -6.77 13.05
CA VAL A 666 10.02 -7.69 12.42
C VAL A 666 9.78 -7.74 10.92
N ALA A 667 8.51 -7.76 10.50
CA ALA A 667 8.19 -7.79 9.08
C ALA A 667 8.75 -6.58 8.35
N LEU A 668 8.75 -5.42 9.01
CA LEU A 668 9.32 -4.22 8.39
C LEU A 668 10.84 -4.32 8.29
N ALA A 669 11.49 -4.88 9.32
CA ALA A 669 12.94 -5.01 9.29
C ALA A 669 13.39 -6.09 8.31
N ARG A 670 12.60 -7.15 8.15
CA ARG A 670 12.91 -8.24 7.23
C ARG A 670 11.80 -8.35 6.19
N GLU A 671 11.95 -7.59 5.11
CA GLU A 671 11.00 -7.61 4.00
C GLU A 671 11.09 -8.88 3.17
N ASP A 672 12.14 -9.69 3.38
CA ASP A 672 12.22 -11.00 2.75
C ASP A 672 11.33 -12.03 3.42
N ALA A 673 10.71 -11.68 4.55
CA ALA A 673 9.84 -12.59 5.29
C ALA A 673 8.38 -12.25 5.02
N GLN A 674 7.55 -13.29 5.00
CA GLN A 674 6.11 -13.09 4.86
C GLN A 674 5.54 -12.55 6.18
N PHE A 675 4.64 -11.59 6.06
CA PHE A 675 3.98 -10.98 7.22
C PHE A 675 2.62 -11.65 7.37
N ILE A 676 2.52 -12.60 8.29
CA ILE A 676 1.34 -13.43 8.45
C ILE A 676 0.33 -12.73 9.35
N THR A 677 -0.83 -12.41 8.78
CA THR A 677 -1.96 -11.92 9.56
C THR A 677 -3.20 -12.72 9.15
N TRP A 678 -4.38 -12.32 9.67
CA TRP A 678 -5.61 -12.95 9.21
C TRP A 678 -5.89 -12.66 7.74
N GLU A 679 -5.26 -11.63 7.17
CA GLU A 679 -5.49 -11.21 5.80
C GLU A 679 -4.37 -11.65 4.86
N HIS A 680 -3.41 -12.45 5.34
CA HIS A 680 -2.37 -12.96 4.46
C HIS A 680 -2.92 -14.10 3.60
N PRO A 681 -2.44 -14.22 2.36
CA PRO A 681 -2.95 -15.30 1.48
C PRO A 681 -2.76 -16.70 2.05
N LEU A 682 -1.65 -16.97 2.73
CA LEU A 682 -1.42 -18.29 3.31
C LEU A 682 -2.56 -18.65 4.27
N ILE A 683 -3.05 -17.67 5.03
CA ILE A 683 -4.13 -17.93 5.97
C ILE A 683 -5.46 -18.06 5.25
N ARG A 684 -5.74 -17.14 4.31
CA ARG A 684 -7.00 -17.18 3.60
C ARG A 684 -7.11 -18.40 2.69
N ASN A 685 -5.99 -18.84 2.11
CA ASN A 685 -6.02 -20.05 1.29
C ASN A 685 -6.14 -21.31 2.16
N GLY A 686 -5.55 -21.29 3.35
CA GLY A 686 -5.69 -22.43 4.25
C GLY A 686 -7.11 -22.55 4.78
N LEU A 687 -7.74 -21.42 5.12
CA LEU A 687 -9.12 -21.44 5.58
C LEU A 687 -10.05 -22.00 4.51
N ASP A 688 -9.93 -21.49 3.28
CA ASP A 688 -10.79 -21.95 2.19
C ASP A 688 -10.55 -23.42 1.87
N LEU A 689 -9.32 -23.91 2.07
CA LEU A 689 -9.02 -25.30 1.74
C LEU A 689 -9.75 -26.26 2.67
N ILE A 690 -9.76 -25.99 3.97
CA ILE A 690 -10.41 -26.90 4.90
C ILE A 690 -11.92 -26.67 4.97
N LEU A 691 -12.39 -25.48 4.61
CA LEU A 691 -13.82 -25.19 4.62
C LEU A 691 -14.48 -25.43 3.27
N SER A 692 -13.72 -25.87 2.27
CA SER A 692 -14.29 -26.11 0.94
C SER A 692 -15.12 -27.38 0.91
N GLY A 693 -14.50 -28.52 1.21
CA GLY A 693 -15.15 -29.80 1.05
C GLY A 693 -15.90 -30.29 2.27
N ASP A 694 -15.82 -31.61 2.52
CA ASP A 694 -16.54 -32.25 3.61
C ASP A 694 -15.61 -32.88 4.64
N THR A 695 -14.30 -32.68 4.52
CA THR A 695 -13.36 -33.30 5.44
C THR A 695 -13.55 -32.75 6.85
N GLY A 696 -13.71 -33.66 7.82
CA GLY A 696 -13.96 -33.27 9.19
C GLY A 696 -15.41 -33.03 9.53
N SER A 697 -16.34 -33.50 8.70
CA SER A 697 -17.76 -33.24 8.93
C SER A 697 -18.48 -34.38 9.64
N SER A 698 -17.90 -35.57 9.69
CA SER A 698 -18.59 -36.72 10.29
C SER A 698 -17.57 -37.62 10.95
N THR A 699 -17.78 -37.91 12.23
CA THR A 699 -16.85 -38.77 12.97
C THR A 699 -17.55 -39.28 14.22
N ILE A 700 -16.88 -40.22 14.89
CA ILE A 700 -17.33 -40.78 16.16
C ILE A 700 -16.13 -40.93 17.08
N SER A 701 -16.35 -40.72 18.38
CA SER A 701 -15.27 -40.69 19.34
C SER A 701 -15.72 -41.33 20.65
N LEU A 702 -14.75 -41.62 21.51
CA LEU A 702 -14.99 -42.19 22.82
C LEU A 702 -14.55 -41.20 23.90
N LEU A 703 -15.33 -41.14 24.99
CA LEU A 703 -15.05 -40.27 26.12
C LEU A 703 -14.78 -41.14 27.34
N LYS A 704 -13.54 -41.17 27.80
CA LYS A 704 -13.16 -41.93 28.98
C LYS A 704 -13.54 -41.12 30.21
N ASN A 705 -14.69 -41.45 30.81
CA ASN A 705 -15.23 -40.68 31.93
C ASN A 705 -15.94 -41.64 32.87
N LYS A 706 -15.37 -41.84 34.06
CA LYS A 706 -15.98 -42.73 35.04
C LYS A 706 -17.22 -42.11 35.68
N ALA A 707 -17.30 -40.79 35.71
CA ALA A 707 -18.44 -40.11 36.32
C ALA A 707 -19.71 -40.19 35.49
N LEU A 708 -19.70 -40.90 34.37
CA LEU A 708 -20.86 -41.09 33.53
C LEU A 708 -21.05 -42.57 33.24
N PRO A 709 -22.30 -43.01 33.08
CA PRO A 709 -22.53 -44.43 32.79
C PRO A 709 -21.89 -44.84 31.47
N VAL A 710 -21.48 -46.11 31.40
CA VAL A 710 -20.92 -46.66 30.18
C VAL A 710 -21.96 -46.63 29.07
N GLY A 711 -21.54 -46.21 27.88
CA GLY A 711 -22.39 -46.27 26.71
C GLY A 711 -23.32 -45.09 26.52
N THR A 712 -23.32 -44.12 27.43
CA THR A 712 -24.16 -42.94 27.24
C THR A 712 -23.68 -42.17 26.02
N LEU A 713 -24.63 -41.63 25.26
CA LEU A 713 -24.36 -41.05 23.96
C LEU A 713 -24.55 -39.53 23.99
N LEU A 714 -23.54 -38.80 23.55
CA LEU A 714 -23.65 -37.38 23.27
C LEU A 714 -23.31 -37.14 21.81
N VAL A 715 -23.99 -36.19 21.19
CA VAL A 715 -23.66 -35.74 19.85
C VAL A 715 -23.42 -34.23 19.91
N GLU A 716 -22.31 -33.78 19.34
CA GLU A 716 -22.05 -32.35 19.21
C GLU A 716 -22.24 -31.97 17.75
N LEU A 717 -23.18 -31.08 17.50
CA LEU A 717 -23.56 -30.67 16.16
C LEU A 717 -23.00 -29.29 15.86
N ILE A 718 -22.36 -29.15 14.71
CA ILE A 718 -21.89 -27.85 14.24
C ILE A 718 -22.88 -27.44 13.13
N TYR A 719 -23.81 -26.55 13.48
CA TYR A 719 -24.66 -25.91 12.51
C TYR A 719 -23.96 -24.69 11.96
N VAL A 720 -24.26 -24.34 10.71
CA VAL A 720 -23.77 -23.08 10.15
C VAL A 720 -24.98 -22.28 9.69
N VAL A 721 -25.09 -21.06 10.20
CA VAL A 721 -26.12 -20.11 9.82
C VAL A 721 -25.51 -19.16 8.79
N GLU A 722 -26.18 -19.01 7.66
CA GLU A 722 -25.61 -18.25 6.57
C GLU A 722 -26.70 -17.82 5.61
N ALA A 723 -26.41 -16.76 4.86
CA ALA A 723 -27.19 -16.34 3.72
C ALA A 723 -26.37 -16.55 2.45
N GLN A 724 -27.06 -16.63 1.31
CA GLN A 724 -26.40 -16.74 0.03
C GLN A 724 -26.63 -15.47 -0.77
N ALA A 725 -25.54 -14.88 -1.25
CA ALA A 725 -25.56 -13.59 -1.92
C ALA A 725 -24.19 -13.37 -2.55
N PRO A 726 -24.11 -12.55 -3.60
CA PRO A 726 -22.80 -12.25 -4.20
C PRO A 726 -21.89 -11.56 -3.19
N LYS A 727 -20.59 -11.87 -3.30
CA LYS A 727 -19.63 -11.35 -2.34
C LYS A 727 -19.55 -9.82 -2.38
N GLN A 728 -19.80 -9.22 -3.55
CA GLN A 728 -19.73 -7.76 -3.66
C GLN A 728 -20.76 -7.07 -2.79
N LEU A 729 -21.84 -7.77 -2.41
CA LEU A 729 -22.80 -7.20 -1.48
C LEU A 729 -22.23 -7.04 -0.08
N GLN A 730 -21.12 -7.71 0.22
CA GLN A 730 -20.43 -7.59 1.51
C GLN A 730 -21.37 -7.95 2.67
N LEU A 731 -22.01 -9.11 2.56
CA LEU A 731 -22.88 -9.60 3.62
C LEU A 731 -22.08 -10.11 4.81
N ASN A 732 -20.79 -10.40 4.63
CA ASN A 732 -19.96 -10.89 5.73
C ASN A 732 -19.75 -9.84 6.81
N ARG A 733 -20.06 -8.57 6.52
CA ARG A 733 -19.94 -7.53 7.55
C ARG A 733 -20.93 -7.77 8.68
N PHE A 734 -22.08 -8.37 8.39
CA PHE A 734 -23.15 -8.53 9.36
C PHE A 734 -23.47 -9.98 9.68
N LEU A 735 -23.46 -10.86 8.68
CA LEU A 735 -23.74 -12.29 8.89
C LEU A 735 -22.90 -13.13 7.95
N PRO A 736 -21.64 -13.40 8.32
CA PRO A 736 -20.87 -14.40 7.60
C PRO A 736 -21.33 -15.79 7.96
N PRO A 737 -20.88 -16.83 7.25
CA PRO A 737 -21.22 -18.19 7.67
C PRO A 737 -20.77 -18.45 9.10
N THR A 738 -21.74 -18.61 10.00
CA THR A 738 -21.47 -18.61 11.44
C THR A 738 -21.77 -19.97 12.03
N PRO A 739 -20.83 -20.57 12.77
CA PRO A 739 -21.09 -21.86 13.40
C PRO A 739 -21.91 -21.70 14.68
N VAL A 740 -22.83 -22.65 14.89
CA VAL A 740 -23.62 -22.73 16.12
C VAL A 740 -23.40 -24.13 16.68
N ARG A 741 -22.58 -24.24 17.72
CA ARG A 741 -22.23 -25.53 18.30
C ARG A 741 -23.24 -25.91 19.38
N MET A 742 -23.79 -27.12 19.27
CA MET A 742 -24.68 -27.67 20.28
C MET A 742 -24.15 -29.03 20.71
N LEU A 743 -24.40 -29.37 21.98
CA LEU A 743 -24.02 -30.66 22.54
C LEU A 743 -25.27 -31.24 23.21
N LEU A 744 -25.78 -32.34 22.66
CA LEU A 744 -27.07 -32.87 23.06
C LEU A 744 -26.92 -34.27 23.66
N ASP A 745 -27.81 -34.58 24.59
CA ASP A 745 -27.94 -35.91 25.16
C ASP A 745 -29.13 -36.62 24.52
N LYS A 746 -29.49 -37.80 25.05
CA LYS A 746 -30.60 -38.56 24.48
C LYS A 746 -31.93 -37.85 24.66
N ASN A 747 -32.05 -36.95 25.63
CA ASN A 747 -33.28 -36.19 25.84
C ASN A 747 -33.32 -34.88 25.08
N GLY A 748 -32.18 -34.42 24.55
CA GLY A 748 -32.13 -33.17 23.84
C GLY A 748 -31.68 -31.97 24.64
N ASN A 749 -31.14 -32.18 25.84
CA ASN A 749 -30.57 -31.07 26.60
C ASN A 749 -29.32 -30.55 25.91
N ASN A 750 -29.24 -29.23 25.75
CA ASN A 750 -28.08 -28.60 25.13
C ASN A 750 -27.10 -28.21 26.24
N LEU A 751 -25.96 -28.87 26.27
CA LEU A 751 -24.94 -28.66 27.29
C LEU A 751 -23.78 -27.80 26.80
N ALA A 752 -23.81 -27.34 25.54
CA ALA A 752 -22.67 -26.65 24.95
C ALA A 752 -22.30 -25.39 25.73
N ALA A 753 -23.27 -24.78 26.42
CA ALA A 753 -22.96 -23.56 27.17
C ALA A 753 -22.08 -23.85 28.38
N GLN A 754 -22.22 -25.03 28.99
CA GLN A 754 -21.44 -25.39 30.17
C GLN A 754 -20.29 -26.33 29.85
N VAL A 755 -20.09 -26.69 28.59
CA VAL A 755 -19.05 -27.62 28.19
C VAL A 755 -18.18 -26.90 27.17
N GLU A 756 -17.08 -26.31 27.63
CA GLU A 756 -16.19 -25.55 26.75
C GLU A 756 -15.59 -26.48 25.69
N PHE A 757 -15.42 -25.94 24.49
CA PHE A 757 -15.03 -26.76 23.34
C PHE A 757 -13.65 -27.38 23.53
N GLU A 758 -12.63 -26.53 23.70
CA GLU A 758 -11.26 -27.04 23.76
C GLU A 758 -11.05 -27.96 24.96
N THR A 759 -11.67 -27.63 26.10
CA THR A 759 -11.57 -28.48 27.27
C THR A 759 -12.19 -29.85 27.01
N PHE A 760 -13.35 -29.88 26.34
CA PHE A 760 -14.02 -31.14 26.05
C PHE A 760 -13.40 -31.85 24.85
N ASN A 761 -12.89 -31.08 23.88
CA ASN A 761 -12.27 -31.70 22.70
C ASN A 761 -11.02 -32.49 23.07
N ARG A 762 -10.30 -32.05 24.09
CA ARG A 762 -9.08 -32.74 24.51
C ARG A 762 -9.35 -34.10 25.14
N GLN A 763 -10.61 -34.43 25.44
CA GLN A 763 -10.96 -35.69 26.07
C GLN A 763 -11.60 -36.68 25.11
N LEU A 764 -11.75 -36.33 23.83
CA LEU A 764 -12.40 -37.18 22.85
C LEU A 764 -11.34 -37.85 21.98
N ASN A 765 -11.37 -39.18 21.95
CA ASN A 765 -10.38 -39.98 21.25
C ASN A 765 -10.99 -40.69 20.05
N ALA A 766 -10.17 -40.89 19.02
CA ALA A 766 -10.64 -41.56 17.83
C ALA A 766 -10.82 -43.06 18.08
N VAL A 767 -11.53 -43.71 17.18
CA VAL A 767 -11.79 -45.14 17.25
C VAL A 767 -11.17 -45.82 16.04
N ASN A 768 -10.70 -47.05 16.23
CA ASN A 768 -10.25 -47.84 15.10
C ASN A 768 -11.42 -48.12 14.17
N ARG A 769 -11.10 -48.31 12.88
CA ARG A 769 -12.14 -48.31 11.84
C ARG A 769 -13.15 -49.43 12.05
N HIS A 770 -12.70 -50.64 12.40
CA HIS A 770 -13.62 -51.76 12.49
C HIS A 770 -14.56 -51.60 13.68
N THR A 771 -14.05 -51.19 14.84
CA THR A 771 -14.93 -50.94 15.97
C THR A 771 -15.76 -49.68 15.75
N GLY A 772 -15.15 -48.63 15.19
CA GLY A 772 -15.87 -47.39 14.95
C GLY A 772 -17.07 -47.58 14.04
N SER A 773 -16.87 -48.29 12.93
CA SER A 773 -17.97 -48.54 12.01
C SER A 773 -19.07 -49.38 12.67
N LYS A 774 -18.65 -50.34 13.50
CA LYS A 774 -19.64 -51.16 14.22
C LYS A 774 -20.43 -50.32 15.21
N LEU A 775 -19.78 -49.33 15.83
CA LEU A 775 -20.45 -48.53 16.85
CA LEU A 775 -20.45 -48.53 16.85
C LEU A 775 -21.44 -47.54 16.21
N VAL A 776 -21.06 -46.94 15.08
CA VAL A 776 -21.92 -45.96 14.43
C VAL A 776 -23.24 -46.61 14.02
N ASN A 777 -23.17 -47.78 13.38
CA ASN A 777 -24.38 -48.46 12.93
C ASN A 777 -25.24 -48.94 14.09
N ALA A 778 -24.67 -49.04 15.30
CA ALA A 778 -25.43 -49.53 16.45
C ALA A 778 -26.26 -48.41 17.08
N VAL A 779 -25.70 -47.21 17.18
CA VAL A 779 -26.35 -46.10 17.84
C VAL A 779 -27.10 -45.20 16.86
N GLN A 780 -27.25 -45.64 15.61
CA GLN A 780 -27.78 -44.77 14.56
C GLN A 780 -29.20 -44.30 14.90
N GLN A 781 -30.09 -45.21 15.29
CA GLN A 781 -31.49 -44.84 15.47
C GLN A 781 -31.67 -43.82 16.59
N ASP A 782 -30.86 -43.93 17.66
CA ASP A 782 -30.92 -42.94 18.71
C ASP A 782 -30.36 -41.59 18.23
N VAL A 783 -29.27 -41.63 17.46
CA VAL A 783 -28.69 -40.42 16.91
C VAL A 783 -29.70 -39.68 16.05
N HIS A 784 -30.49 -40.41 15.26
CA HIS A 784 -31.52 -39.78 14.45
C HIS A 784 -32.56 -39.09 15.32
N ALA A 785 -32.89 -39.69 16.47
CA ALA A 785 -33.84 -39.05 17.37
C ALA A 785 -33.27 -37.79 18.00
N ILE A 786 -31.96 -37.76 18.24
CA ILE A 786 -31.33 -36.56 18.80
C ILE A 786 -31.22 -35.48 17.74
N LEU A 787 -30.88 -35.87 16.50
CA LEU A 787 -30.83 -34.90 15.41
C LEU A 787 -32.18 -34.19 15.25
N GLN A 788 -33.28 -34.95 15.34
CA GLN A 788 -34.60 -34.34 15.29
C GLN A 788 -34.82 -33.39 16.45
N LEU A 789 -34.26 -33.69 17.61
CA LEU A 789 -34.41 -32.80 18.77
C LEU A 789 -33.70 -31.48 18.56
N GLY A 790 -32.61 -31.48 17.80
CA GLY A 790 -31.85 -30.25 17.61
C GLY A 790 -32.46 -29.29 16.61
N GLU A 791 -33.18 -29.82 15.61
CA GLU A 791 -33.73 -28.98 14.54
C GLU A 791 -34.64 -27.89 15.09
N ALA A 792 -35.32 -28.15 16.20
CA ALA A 792 -36.13 -27.11 16.84
C ALA A 792 -35.28 -26.12 17.60
N GLN A 793 -34.15 -26.57 18.16
CA GLN A 793 -33.30 -25.68 18.94
C GLN A 793 -32.48 -24.75 18.06
N ILE A 794 -31.98 -25.26 16.92
CA ILE A 794 -31.19 -24.42 16.04
C ILE A 794 -32.05 -23.32 15.41
N GLU A 795 -33.34 -23.59 15.22
CA GLU A 795 -34.23 -22.59 14.63
C GLU A 795 -34.25 -21.31 15.44
N LYS A 796 -34.55 -21.43 16.75
CA LYS A 796 -34.53 -20.25 17.62
C LYS A 796 -33.14 -19.63 17.68
N SER A 797 -32.09 -20.46 17.64
CA SER A 797 -30.73 -19.93 17.66
C SER A 797 -30.43 -19.17 16.37
N ALA A 798 -30.70 -19.79 15.22
CA ALA A 798 -30.42 -19.13 13.95
C ALA A 798 -31.27 -17.89 13.75
N ARG A 799 -32.51 -17.90 14.25
CA ARG A 799 -33.37 -16.73 14.12
C ARG A 799 -32.86 -15.57 14.97
N ALA A 800 -32.18 -15.86 16.08
CA ALA A 800 -31.60 -14.79 16.89
C ALA A 800 -30.41 -14.16 16.19
N LEU A 801 -29.60 -14.97 15.49
CA LEU A 801 -28.45 -14.44 14.77
C LEU A 801 -28.90 -13.59 13.57
N ILE A 802 -29.86 -14.11 12.80
CA ILE A 802 -30.33 -13.39 11.61
C ILE A 802 -31.00 -12.08 12.02
N ASP A 803 -31.83 -12.11 13.07
CA ASP A 803 -32.48 -10.89 13.52
C ASP A 803 -31.48 -9.92 14.14
N ALA A 804 -30.40 -10.42 14.72
CA ALA A 804 -29.33 -9.53 15.19
C ALA A 804 -28.61 -8.89 14.02
N ALA A 805 -28.37 -9.65 12.95
CA ALA A 805 -27.66 -9.12 11.80
C ALA A 805 -28.50 -8.11 11.03
N ARG A 806 -29.76 -8.46 10.76
CA ARG A 806 -30.60 -7.57 9.96
C ARG A 806 -30.95 -6.28 10.70
N ASN A 807 -30.79 -6.25 12.02
CA ASN A 807 -30.92 -4.99 12.74
C ASN A 807 -29.60 -4.22 12.71
N GLU A 808 -28.47 -4.93 12.81
CA GLU A 808 -27.17 -4.26 12.72
C GLU A 808 -26.88 -3.81 11.30
N ALA A 809 -27.33 -4.59 10.31
CA ALA A 809 -27.18 -4.16 8.92
C ALA A 809 -28.03 -2.92 8.63
N ASP A 810 -29.28 -2.93 9.08
CA ASP A 810 -30.15 -1.78 8.88
C ASP A 810 -29.63 -0.56 9.62
N GLU A 811 -29.05 -0.76 10.80
CA GLU A 811 -28.57 0.36 11.59
C GLU A 811 -27.31 0.98 10.98
N LYS A 812 -26.36 0.13 10.57
CA LYS A 812 -25.11 0.65 10.02
C LYS A 812 -25.34 1.32 8.67
N LEU A 813 -26.07 0.66 7.78
CA LEU A 813 -26.31 1.21 6.45
C LEU A 813 -27.26 2.41 6.48
N SER A 814 -28.07 2.55 7.53
CA SER A 814 -28.85 3.77 7.68
C SER A 814 -27.96 4.95 8.04
N ALA A 815 -26.97 4.71 8.90
CA ALA A 815 -26.03 5.78 9.25
C ALA A 815 -25.23 6.23 8.03
N GLU A 816 -24.68 5.27 7.28
CA GLU A 816 -23.93 5.62 6.09
C GLU A 816 -24.79 6.36 5.07
N LEU A 817 -26.03 5.91 4.89
CA LEU A 817 -26.93 6.58 3.96
C LEU A 817 -27.27 7.99 4.44
N SER A 818 -27.53 8.15 5.74
CA SER A 818 -27.83 9.48 6.27
C SER A 818 -26.61 10.37 6.26
N ARG A 819 -25.41 9.81 6.48
CA ARG A 819 -24.20 10.62 6.48
C ARG A 819 -23.90 11.17 5.09
N LEU A 820 -24.02 10.34 4.06
CA LEU A 820 -23.80 10.83 2.70
C LEU A 820 -24.87 11.82 2.28
N GLU A 821 -26.11 11.64 2.75
CA GLU A 821 -27.17 12.59 2.42
C GLU A 821 -26.99 13.91 3.16
N ALA A 822 -26.44 13.86 4.38
CA ALA A 822 -26.09 15.10 5.07
C ALA A 822 -24.97 15.84 4.35
N LEU A 823 -24.02 15.09 3.80
CA LEU A 823 -22.93 15.71 3.05
C LEU A 823 -23.44 16.34 1.75
N ARG A 824 -24.28 15.61 1.01
CA ARG A 824 -24.81 16.12 -0.25
C ARG A 824 -25.53 17.46 -0.06
N ALA A 825 -26.15 17.66 1.11
CA ALA A 825 -26.84 18.92 1.37
C ALA A 825 -25.89 20.10 1.50
N VAL A 826 -24.64 19.87 1.87
CA VAL A 826 -23.68 20.95 2.11
C VAL A 826 -22.41 20.80 1.29
N ASN A 827 -22.32 19.80 0.40
CA ASN A 827 -21.09 19.48 -0.30
C ASN A 827 -21.42 19.09 -1.73
N PRO A 828 -20.68 19.59 -2.72
CA PRO A 828 -20.97 19.28 -4.12
C PRO A 828 -20.27 18.04 -4.67
N ASN A 829 -19.48 17.33 -3.86
CA ASN A 829 -18.67 16.23 -4.33
C ASN A 829 -19.29 14.86 -4.09
N ILE A 830 -20.55 14.81 -3.67
CA ILE A 830 -21.25 13.54 -3.47
C ILE A 830 -21.93 13.17 -4.77
N ARG A 831 -21.52 12.05 -5.36
CA ARG A 831 -22.05 11.63 -6.65
C ARG A 831 -23.40 10.94 -6.47
N ASP A 832 -24.22 11.01 -7.52
CA ASP A 832 -25.53 10.37 -7.49
C ASP A 832 -25.41 8.86 -7.29
N ASP A 833 -24.48 8.23 -8.01
CA ASP A 833 -24.32 6.78 -7.93
C ASP A 833 -23.86 6.33 -6.54
N GLU A 834 -23.26 7.21 -5.75
CA GLU A 834 -22.88 6.85 -4.40
C GLU A 834 -24.11 6.69 -3.51
N LEU A 835 -25.05 7.63 -3.60
CA LEU A 835 -26.27 7.53 -2.80
C LEU A 835 -27.11 6.33 -3.21
N THR A 836 -27.18 6.04 -4.52
CA THR A 836 -27.94 4.90 -4.99
C THR A 836 -27.29 3.59 -4.57
N ALA A 837 -25.95 3.54 -4.52
CA ALA A 837 -25.27 2.31 -4.15
C ALA A 837 -25.60 1.91 -2.72
N ILE A 838 -25.61 2.86 -1.79
CA ILE A 838 -25.96 2.55 -0.41
C ILE A 838 -27.42 2.14 -0.31
N GLU A 839 -28.31 2.91 -0.94
CA GLU A 839 -29.73 2.60 -0.90
C GLU A 839 -30.02 1.22 -1.48
N SER A 840 -29.38 0.88 -2.60
CA SER A 840 -29.59 -0.43 -3.20
C SER A 840 -28.95 -1.53 -2.38
N ASN A 841 -27.72 -1.31 -1.89
CA ASN A 841 -27.03 -2.33 -1.11
C ASN A 841 -27.79 -2.66 0.16
N ARG A 842 -28.34 -1.65 0.83
CA ARG A 842 -29.11 -1.88 2.05
C ARG A 842 -30.33 -2.75 1.76
N GLN A 843 -31.07 -2.42 0.70
CA GLN A 843 -32.27 -3.18 0.36
C GLN A 843 -31.92 -4.62 -0.02
N GLN A 844 -30.81 -4.81 -0.72
CA GLN A 844 -30.41 -6.17 -1.09
C GLN A 844 -29.89 -6.96 0.11
N VAL A 845 -29.30 -6.27 1.09
CA VAL A 845 -28.83 -6.95 2.30
C VAL A 845 -30.02 -7.42 3.12
N MET A 846 -31.03 -6.56 3.30
CA MET A 846 -32.25 -6.96 4.00
C MET A 846 -32.90 -8.16 3.29
N GLU A 847 -32.91 -8.14 1.96
CA GLU A 847 -33.57 -9.21 1.22
C GLU A 847 -32.80 -10.52 1.31
N SER A 848 -31.48 -10.46 1.38
CA SER A 848 -30.69 -11.69 1.52
C SER A 848 -30.75 -12.25 2.92
N LEU A 849 -30.82 -11.38 3.94
CA LEU A 849 -30.97 -11.85 5.32
C LEU A 849 -32.36 -12.41 5.57
N ASP A 850 -33.35 -12.01 4.76
CA ASP A 850 -34.68 -12.60 4.89
C ASP A 850 -34.68 -14.06 4.46
N GLN A 851 -33.88 -14.41 3.46
CA GLN A 851 -33.78 -15.76 2.95
C GLN A 851 -32.61 -16.53 3.56
N ALA A 852 -32.11 -16.09 4.71
CA ALA A 852 -31.04 -16.79 5.40
C ALA A 852 -31.62 -17.90 6.27
N GLY A 853 -31.02 -19.08 6.20
CA GLY A 853 -31.48 -20.23 6.95
C GLY A 853 -30.34 -20.87 7.73
N TRP A 854 -30.46 -22.19 7.91
CA TRP A 854 -29.49 -22.96 8.65
C TRP A 854 -29.29 -24.32 7.98
N ARG A 855 -28.13 -24.91 8.25
CA ARG A 855 -27.84 -26.27 7.79
C ARG A 855 -26.90 -26.91 8.80
N LEU A 856 -26.94 -28.24 8.85
CA LEU A 856 -26.00 -29.00 9.66
C LEU A 856 -24.73 -29.23 8.84
N ASP A 857 -23.60 -28.75 9.36
CA ASP A 857 -22.33 -28.87 8.65
C ASP A 857 -21.54 -30.10 9.10
N ALA A 858 -21.43 -30.28 10.42
CA ALA A 858 -20.61 -31.36 10.97
C ALA A 858 -21.28 -31.90 12.23
N LEU A 859 -20.91 -33.13 12.57
CA LEU A 859 -21.40 -33.75 13.80
C LEU A 859 -20.38 -34.79 14.26
N ARG A 860 -20.21 -34.89 15.58
CA ARG A 860 -19.32 -35.86 16.19
C ARG A 860 -20.10 -36.63 17.24
N LEU A 861 -20.18 -37.95 17.06
CA LEU A 861 -20.82 -38.80 18.05
C LEU A 861 -19.84 -39.14 19.16
N ILE A 862 -20.34 -39.17 20.40
CA ILE A 862 -19.51 -39.45 21.57
C ILE A 862 -20.16 -40.58 22.35
N VAL A 863 -19.39 -41.64 22.59
CA VAL A 863 -19.82 -42.76 23.42
C VAL A 863 -18.90 -42.82 24.63
N VAL A 864 -19.49 -42.91 25.82
CA VAL A 864 -18.71 -42.92 27.05
C VAL A 864 -18.18 -44.32 27.31
N THR A 865 -16.87 -44.41 27.55
CA THR A 865 -16.23 -45.66 27.93
C THR A 865 -15.49 -45.46 29.26
N HIS A 866 -15.13 -46.57 29.88
CA HIS A 866 -14.32 -46.56 31.09
C HIS A 866 -12.94 -47.16 30.87
N GLN A 867 -12.63 -47.59 29.65
CA GLN A 867 -11.34 -48.19 29.35
C GLN A 867 -10.33 -47.14 28.89
PG AGS B . 5.33 7.89 -5.28
S1G AGS B . 5.87 9.56 -6.14
O2G AGS B . 6.58 6.98 -5.07
O3G AGS B . 4.34 7.16 -6.24
PB AGS B . 5.29 8.94 -2.72
O1B AGS B . 6.27 9.94 -3.18
O2B AGS B . 4.13 9.58 -1.93
O3B AGS B . 4.62 8.14 -3.91
PA AGS B . 5.76 6.39 -1.72
O1A AGS B . 4.34 6.05 -1.50
O2A AGS B . 6.35 5.84 -3.01
O3A AGS B . 6.01 7.96 -1.71
O5' AGS B . 6.59 5.92 -0.47
C5' AGS B . 7.86 6.54 -0.18
C4' AGS B . 8.78 5.54 0.47
O4' AGS B . 8.43 5.41 1.87
C3' AGS B . 8.74 4.13 -0.11
O3' AGS B . 10.03 3.53 -0.08
C2' AGS B . 7.75 3.40 0.81
O2' AGS B . 8.03 2.01 0.90
C1' AGS B . 8.00 4.08 2.15
N9 AGS B . 6.81 4.16 3.00
C8 AGS B . 5.80 5.07 2.89
N7 AGS B . 4.85 4.91 3.79
C5 AGS B . 5.27 3.82 4.53
C6 AGS B . 4.72 3.14 5.62
N6 AGS B . 3.55 3.48 6.19
N1 AGS B . 5.40 2.09 6.13
C2 AGS B . 6.56 1.75 5.56
N3 AGS B . 7.19 2.32 4.52
C4 AGS B . 6.49 3.35 4.05
CL CL C . 5.75 5.62 -20.13
CL CL D . 15.07 -0.06 -3.80
CL CL E . 28.17 14.76 -12.06
CL CL F . -1.92 23.67 -16.58
CL CL G . 33.61 19.45 -18.10
CL CL H . -7.73 -38.48 14.88
CL CL I . 32.72 2.65 10.78
#